data_2CLK
#
_entry.id   2CLK
#
_cell.length_a   182.045
_cell.length_b   59.558
_cell.length_c   67.409
_cell.angle_alpha   90.00
_cell.angle_beta   94.56
_cell.angle_gamma   90.00
#
_symmetry.space_group_name_H-M   'C 1 2 1'
#
loop_
_entity.id
_entity.type
_entity.pdbx_description
1 polymer 'TRYPTOPHAN SYNTHASE ALPHA CHAIN'
2 polymer 'TRYPTOPHAN SYNTHASE BETA CHAIN'
3 non-polymer GLYCERALDEHYDE-3-PHOSPHATE
4 non-polymer "PYRIDOXAL-5'-PHOSPHATE"
5 non-polymer 'SODIUM ION'
6 water water
#
loop_
_entity_poly.entity_id
_entity_poly.type
_entity_poly.pdbx_seq_one_letter_code
_entity_poly.pdbx_strand_id
1 'polypeptide(L)'
;MERYENLFAQLNDRREGAFVPFVTLGDPGIEQSLKIIDTLIDAGADALELGVPFSDPLADGPTIQNANLRAFAAGVTPAQ
CFEMLAIIREKHPTIPIGLLMYANLVFNNGIDAFYARCEQVGVDSVLVADVPVEESAPFRQAALRHNIAPIFICPPNADD
DLLRQVASYGRGYTYLLSRSGVTGAENRGALPLHHLIEKLKEYHAAPALQGFGISSPEQVSAAVRAGAAGAISGSAIVKI
IEKNLASPKQMLAELRSFVSAMKAASRA
;
A
2 'polypeptide(L)'
;TTLLNPYFGEFGGMYVPQILMPALNQLEEAFVSAQKDPEFQAQFADLLKNYAGRPTALTKCQNITAGTRTTLYLKREDLL
HGGAHKTNQVLGQALLAKRMGKSEIIAETGAGQHGVASALASALLGLKCRIYMGAKDVERQSPNVFRMRLMGAEVIPVHS
GSATLKDACNEALRDWSGSYETAHYMLGTAAGPHPYPTIVREFQRMIGEETKAQILDKEGRLPDAVIACVGGGSNAIGMF
ADFINDTSVGLIGVEPGGHGIETGEHGAPLKHGRVGIYFGMKAPMMQTADGQIEESYSISAGLDFPSVGPQHAYLNSIGR
ADYVSITDDEALEAFKTLCRHEGIIPALESSHALAHALKMMREQPEKEQLLVVNLSGRGDKDIFTVHDILKARGEI
;
B
#
loop_
_chem_comp.id
_chem_comp.type
_chem_comp.name
_chem_comp.formula
G3H non-polymer GLYCERALDEHYDE-3-PHOSPHATE 'C3 H7 O6 P'
NA non-polymer 'SODIUM ION' 'Na 1'
PLP non-polymer PYRIDOXAL-5'-PHOSPHATE 'C8 H10 N O6 P'
#
# COMPACT_ATOMS: atom_id res chain seq x y z
N MET A 1 19.76 -12.11 -25.89
CA MET A 1 19.63 -13.59 -25.81
C MET A 1 18.15 -13.92 -26.03
N GLU A 2 17.84 -15.20 -26.23
CA GLU A 2 16.46 -15.59 -26.53
C GLU A 2 16.22 -16.93 -25.87
N ARG A 3 16.50 -16.94 -24.56
CA ARG A 3 16.37 -18.20 -23.90
C ARG A 3 14.97 -18.74 -23.78
N TYR A 4 13.96 -17.88 -23.55
CA TYR A 4 12.60 -18.44 -23.47
C TYR A 4 12.15 -19.01 -24.85
N GLU A 5 12.50 -18.25 -25.88
CA GLU A 5 12.09 -18.68 -27.24
C GLU A 5 12.73 -20.05 -27.56
N ASN A 6 14.01 -20.21 -27.16
CA ASN A 6 14.73 -21.49 -27.45
C ASN A 6 14.11 -22.57 -26.61
N LEU A 7 13.86 -22.30 -25.33
CA LEU A 7 13.17 -23.30 -24.57
C LEU A 7 11.85 -23.72 -25.11
N PHE A 8 10.97 -22.79 -25.40
CA PHE A 8 9.64 -23.22 -25.82
C PHE A 8 9.69 -23.97 -27.15
N ALA A 9 10.61 -23.58 -28.02
CA ALA A 9 10.80 -24.35 -29.28
C ALA A 9 11.19 -25.78 -28.98
N GLN A 10 12.16 -26.00 -28.08
CA GLN A 10 12.63 -27.33 -27.73
C GLN A 10 11.50 -28.14 -27.13
N LEU A 11 10.75 -27.52 -26.21
CA LEU A 11 9.74 -28.25 -25.58
C LEU A 11 8.64 -28.65 -26.56
N ASN A 12 8.31 -27.74 -27.46
CA ASN A 12 7.28 -28.01 -28.48
C ASN A 12 7.73 -29.22 -29.30
N ASP A 13 9.03 -29.27 -29.61
CA ASP A 13 9.51 -30.47 -30.36
C ASP A 13 9.37 -31.77 -29.62
N ARG A 14 9.27 -31.74 -28.31
CA ARG A 14 9.05 -32.94 -27.56
C ARG A 14 7.60 -33.06 -27.05
N ARG A 15 6.72 -32.21 -27.53
CA ARG A 15 5.32 -32.13 -27.06
C ARG A 15 5.33 -32.13 -25.55
N GLU A 16 6.10 -31.19 -24.94
CA GLU A 16 6.18 -31.14 -23.48
C GLU A 16 5.79 -29.75 -23.02
N GLY A 17 5.22 -29.68 -21.84
CA GLY A 17 5.03 -28.37 -21.19
C GLY A 17 6.26 -28.05 -20.33
N ALA A 18 6.39 -26.76 -19.97
CA ALA A 18 7.49 -26.34 -19.09
C ALA A 18 7.06 -26.54 -17.65
N PHE A 19 7.99 -26.96 -16.78
CA PHE A 19 7.70 -26.93 -15.34
C PHE A 19 8.64 -25.92 -14.73
N VAL A 20 8.09 -24.91 -14.04
CA VAL A 20 8.91 -23.79 -13.57
C VAL A 20 8.68 -23.55 -12.08
N PRO A 21 9.63 -23.95 -11.25
CA PRO A 21 9.51 -23.66 -9.84
C PRO A 21 9.85 -22.24 -9.45
N PHE A 22 9.20 -21.72 -8.39
CA PHE A 22 9.58 -20.46 -7.77
C PHE A 22 10.23 -20.69 -6.40
N VAL A 23 11.28 -19.95 -6.14
CA VAL A 23 11.77 -19.84 -4.75
C VAL A 23 12.15 -18.38 -4.48
N THR A 24 12.22 -18.04 -3.18
CA THR A 24 12.73 -16.72 -2.79
C THR A 24 14.26 -16.83 -2.64
N LEU A 25 15.02 -15.99 -3.33
CA LEU A 25 16.46 -16.03 -3.25
C LEU A 25 16.89 -15.81 -1.80
N GLY A 26 17.82 -16.65 -1.37
CA GLY A 26 18.35 -16.53 -0.03
C GLY A 26 17.54 -17.19 1.08
N ASP A 27 16.45 -17.84 0.76
CA ASP A 27 15.67 -18.57 1.75
C ASP A 27 16.16 -20.04 1.75
N PRO A 28 16.65 -20.58 2.86
CA PRO A 28 16.77 -19.94 4.18
C PRO A 28 18.13 -19.34 4.49
N GLY A 29 19.06 -19.40 3.54
CA GLY A 29 20.32 -18.68 3.66
C GLY A 29 20.92 -18.68 2.26
N ILE A 30 21.95 -17.88 2.01
CA ILE A 30 22.51 -17.83 0.64
C ILE A 30 22.99 -19.22 0.12
N GLU A 31 23.83 -19.87 0.92
CA GLU A 31 24.46 -21.11 0.48
C GLU A 31 23.40 -22.20 0.24
N GLN A 32 22.46 -22.32 1.18
CA GLN A 32 21.43 -23.35 1.03
C GLN A 32 20.48 -23.05 -0.17
N SER A 33 20.18 -21.75 -0.37
CA SER A 33 19.34 -21.34 -1.49
C SER A 33 20.06 -21.68 -2.81
N LEU A 34 21.37 -21.40 -2.91
CA LEU A 34 22.08 -21.86 -4.11
C LEU A 34 22.00 -23.38 -4.34
N LYS A 35 22.11 -24.14 -3.26
CA LYS A 35 22.01 -25.61 -3.38
C LYS A 35 20.60 -26.04 -3.77
N ILE A 36 19.61 -25.39 -3.18
CA ILE A 36 18.20 -25.65 -3.51
C ILE A 36 17.99 -25.45 -5.03
N ILE A 37 18.48 -24.32 -5.51
CA ILE A 37 18.29 -23.98 -6.92
C ILE A 37 18.99 -25.02 -7.87
N ASP A 38 20.19 -25.42 -7.52
CA ASP A 38 20.85 -26.43 -8.33
C ASP A 38 20.08 -27.75 -8.34
N THR A 39 19.51 -28.11 -7.19
CA THR A 39 18.68 -29.30 -7.09
C THR A 39 17.43 -29.18 -7.95
N LEU A 40 16.82 -27.98 -7.96
CA LEU A 40 15.58 -27.82 -8.75
C LEU A 40 15.94 -28.08 -10.22
N ILE A 41 17.09 -27.57 -10.64
CA ILE A 41 17.46 -27.69 -12.06
C ILE A 41 17.84 -29.15 -12.36
N ASP A 42 18.64 -29.75 -11.49
CA ASP A 42 19.03 -31.13 -11.72
C ASP A 42 17.84 -32.09 -11.78
N ALA A 43 16.79 -31.79 -11.03
CA ALA A 43 15.65 -32.65 -10.94
C ALA A 43 14.67 -32.43 -12.07
N GLY A 44 14.94 -31.45 -12.95
CA GLY A 44 14.11 -31.24 -14.16
C GLY A 44 13.43 -29.87 -14.38
N ALA A 45 13.66 -28.90 -13.52
CA ALA A 45 13.09 -27.55 -13.82
C ALA A 45 13.49 -27.07 -15.22
N ASP A 46 12.53 -26.60 -16.01
CA ASP A 46 12.85 -26.06 -17.34
C ASP A 46 13.27 -24.59 -17.32
N ALA A 47 12.80 -23.87 -16.29
CA ALA A 47 13.13 -22.45 -16.10
C ALA A 47 13.02 -22.12 -14.61
N LEU A 48 13.46 -20.94 -14.20
CA LEU A 48 13.32 -20.58 -12.80
C LEU A 48 12.53 -19.30 -12.70
N GLU A 49 11.77 -19.19 -11.60
CA GLU A 49 11.10 -17.92 -11.28
C GLU A 49 11.70 -17.63 -9.88
N LEU A 50 12.25 -16.42 -9.67
CA LEU A 50 12.96 -16.19 -8.42
C LEU A 50 12.55 -14.86 -7.80
N GLY A 51 12.34 -14.84 -6.49
CA GLY A 51 11.89 -13.63 -5.78
C GLY A 51 13.07 -12.99 -5.06
N VAL A 52 12.99 -11.68 -4.86
CA VAL A 52 14.02 -10.97 -4.10
C VAL A 52 13.33 -10.52 -2.80
N PRO A 53 13.89 -10.85 -1.64
CA PRO A 53 13.21 -10.51 -0.40
C PRO A 53 12.87 -9.05 -0.27
N PHE A 54 11.61 -8.86 0.14
CA PHE A 54 11.09 -7.50 0.27
C PHE A 54 10.27 -7.39 1.55
N SER A 55 10.31 -6.17 2.08
CA SER A 55 9.66 -5.91 3.37
C SER A 55 8.14 -6.10 3.31
N ASP A 56 7.51 -5.90 2.16
CA ASP A 56 6.02 -5.83 2.12
C ASP A 56 5.42 -6.52 0.92
N PRO A 57 5.55 -7.86 0.88
CA PRO A 57 5.16 -8.64 -0.32
C PRO A 57 3.65 -8.83 -0.40
N LEU A 58 2.98 -7.79 -0.85
CA LEU A 58 1.51 -7.74 -0.85
C LEU A 58 0.81 -8.63 -1.85
N ALA A 59 1.52 -9.38 -2.71
CA ALA A 59 0.83 -10.34 -3.58
C ALA A 59 1.00 -11.75 -3.07
N ASP A 60 1.64 -11.91 -1.89
CA ASP A 60 1.98 -13.24 -1.38
C ASP A 60 1.21 -13.72 -0.15
N GLY A 61 0.86 -15.01 -0.15
CA GLY A 61 0.22 -15.61 1.01
C GLY A 61 1.29 -15.92 2.06
N PRO A 62 0.87 -16.53 3.16
CA PRO A 62 1.76 -16.80 4.29
C PRO A 62 3.00 -17.62 3.96
N THR A 63 2.87 -18.56 3.02
CA THR A 63 4.04 -19.43 2.79
C THR A 63 5.21 -18.54 2.31
N ILE A 64 4.92 -17.70 1.32
CA ILE A 64 5.99 -16.85 0.78
C ILE A 64 6.30 -15.66 1.74
N GLN A 65 5.32 -15.15 2.51
CA GLN A 65 5.65 -14.18 3.54
C GLN A 65 6.76 -14.77 4.44
N ASN A 66 6.59 -16.02 4.84
CA ASN A 66 7.59 -16.67 5.67
C ASN A 66 8.94 -16.90 5.02
N ALA A 67 8.95 -17.12 3.69
CA ALA A 67 10.25 -17.29 3.02
C ALA A 67 10.96 -15.96 3.10
N ASN A 68 10.22 -14.86 2.96
CA ASN A 68 10.86 -13.55 2.99
C ASN A 68 11.41 -13.28 4.41
N LEU A 69 10.61 -13.62 5.42
CA LEU A 69 11.05 -13.48 6.80
C LEU A 69 12.31 -14.32 6.98
N ARG A 70 12.33 -15.56 6.56
CA ARG A 70 13.58 -16.33 6.70
C ARG A 70 14.82 -15.69 6.00
N ALA A 71 14.63 -15.25 4.76
CA ALA A 71 15.72 -14.57 4.06
C ALA A 71 16.22 -13.31 4.79
N PHE A 72 15.27 -12.54 5.33
CA PHE A 72 15.68 -11.34 6.10
C PHE A 72 16.41 -11.76 7.38
N ALA A 73 16.01 -12.87 7.98
CA ALA A 73 16.75 -13.31 9.22
C ALA A 73 18.17 -13.65 8.88
N ALA A 74 18.38 -14.09 7.65
CA ALA A 74 19.73 -14.38 7.14
C ALA A 74 20.43 -13.13 6.62
N GLY A 75 19.79 -11.95 6.63
CA GLY A 75 20.45 -10.73 6.24
C GLY A 75 20.51 -10.56 4.73
N VAL A 76 19.65 -11.29 4.03
CA VAL A 76 19.74 -11.27 2.55
C VAL A 76 19.35 -9.92 1.96
N THR A 77 20.20 -9.32 1.11
CA THR A 77 19.92 -8.01 0.52
C THR A 77 19.74 -8.15 -1.01
N PRO A 78 19.15 -7.14 -1.69
CA PRO A 78 19.08 -7.20 -3.17
C PRO A 78 20.46 -7.36 -3.81
N ALA A 79 21.49 -6.67 -3.29
CA ALA A 79 22.80 -6.79 -3.91
C ALA A 79 23.30 -8.23 -3.81
N GLN A 80 22.96 -8.91 -2.70
CA GLN A 80 23.40 -10.33 -2.51
C GLN A 80 22.63 -11.20 -3.46
N CYS A 81 21.35 -10.89 -3.65
CA CYS A 81 20.55 -11.59 -4.65
C CYS A 81 21.17 -11.49 -6.06
N PHE A 82 21.63 -10.30 -6.48
CA PHE A 82 22.27 -10.13 -7.78
C PHE A 82 23.54 -10.94 -7.91
N GLU A 83 24.33 -10.98 -6.85
CA GLU A 83 25.53 -11.86 -6.87
C GLU A 83 25.13 -13.32 -7.04
N MET A 84 24.11 -13.78 -6.31
CA MET A 84 23.61 -15.14 -6.49
C MET A 84 23.18 -15.38 -7.94
N LEU A 85 22.44 -14.44 -8.49
CA LEU A 85 21.96 -14.62 -9.85
C LEU A 85 23.11 -14.79 -10.85
N ALA A 86 24.15 -13.96 -10.72
CA ALA A 86 25.32 -14.08 -11.58
C ALA A 86 25.92 -15.47 -11.47
N ILE A 87 25.97 -15.97 -10.24
CA ILE A 87 26.57 -17.31 -9.97
C ILE A 87 25.67 -18.41 -10.58
N ILE A 88 24.36 -18.25 -10.47
CA ILE A 88 23.44 -19.24 -11.03
C ILE A 88 23.61 -19.28 -12.57
N ARG A 89 23.67 -18.10 -13.18
CA ARG A 89 23.89 -18.04 -14.61
C ARG A 89 25.25 -18.61 -15.02
N GLU A 90 26.27 -18.44 -14.22
CA GLU A 90 27.56 -18.97 -14.60
C GLU A 90 27.56 -20.49 -14.58
N LYS A 91 26.73 -21.13 -13.77
CA LYS A 91 26.60 -22.58 -13.71
C LYS A 91 25.69 -23.17 -14.78
N HIS A 92 24.74 -22.34 -15.29
CA HIS A 92 23.68 -22.89 -16.09
C HIS A 92 23.40 -21.86 -17.22
N PRO A 93 23.98 -22.05 -18.40
CA PRO A 93 23.99 -21.12 -19.51
C PRO A 93 22.68 -20.94 -20.31
N THR A 94 21.78 -21.91 -20.21
CA THR A 94 20.62 -21.86 -21.14
C THR A 94 19.30 -21.76 -20.42
N ILE A 95 19.25 -22.07 -19.15
CA ILE A 95 17.93 -22.12 -18.50
C ILE A 95 17.40 -20.70 -18.38
N PRO A 96 16.14 -20.48 -18.73
CA PRO A 96 15.56 -19.11 -18.53
C PRO A 96 15.41 -18.79 -17.05
N ILE A 97 15.84 -17.58 -16.71
CA ILE A 97 15.73 -17.11 -15.35
C ILE A 97 14.84 -15.84 -15.34
N GLY A 98 13.73 -15.99 -14.64
CA GLY A 98 12.85 -14.86 -14.54
C GLY A 98 12.77 -14.40 -13.10
N LEU A 99 12.70 -13.08 -12.87
CA LEU A 99 12.51 -12.52 -11.51
C LEU A 99 11.06 -12.17 -11.30
N LEU A 100 10.57 -12.31 -10.07
CA LEU A 100 9.22 -11.83 -9.73
C LEU A 100 9.53 -10.82 -8.64
N MET A 101 9.29 -9.52 -8.90
CA MET A 101 9.77 -8.43 -8.07
C MET A 101 8.62 -7.55 -7.62
N TYR A 102 8.89 -6.89 -6.50
CA TYR A 102 8.01 -5.77 -6.11
C TYR A 102 8.57 -4.48 -6.62
N ALA A 103 7.66 -3.52 -6.97
CA ALA A 103 8.03 -2.30 -7.64
C ALA A 103 9.08 -1.48 -6.95
N ASN A 104 8.97 -1.39 -5.60
CA ASN A 104 9.92 -0.48 -4.99
C ASN A 104 11.40 -0.90 -5.19
N LEU A 105 11.61 -2.20 -5.25
CA LEU A 105 13.01 -2.68 -5.45
C LEU A 105 13.52 -2.41 -6.86
N VAL A 106 12.61 -2.34 -7.83
CA VAL A 106 12.99 -1.98 -9.18
C VAL A 106 13.20 -0.47 -9.32
N PHE A 107 12.31 0.32 -8.70
CA PHE A 107 12.41 1.75 -8.84
C PHE A 107 13.49 2.45 -7.98
N ASN A 108 13.81 1.83 -6.85
CA ASN A 108 14.72 2.33 -5.82
C ASN A 108 15.92 3.11 -6.31
N ASN A 109 16.80 2.42 -6.99
CA ASN A 109 17.99 3.05 -7.48
C ASN A 109 17.88 3.39 -8.92
N GLY A 110 16.66 3.56 -9.46
CA GLY A 110 16.50 3.87 -10.88
C GLY A 110 16.02 2.63 -11.68
N ILE A 111 14.90 2.79 -12.40
CA ILE A 111 14.35 1.67 -13.15
C ILE A 111 15.32 1.21 -14.21
N ASP A 112 15.91 2.15 -14.96
CA ASP A 112 16.84 1.73 -16.00
C ASP A 112 18.01 0.95 -15.42
N ALA A 113 18.57 1.47 -14.31
CA ALA A 113 19.71 0.81 -13.65
C ALA A 113 19.33 -0.62 -13.21
N PHE A 114 18.10 -0.86 -12.75
CA PHE A 114 17.69 -2.21 -12.34
C PHE A 114 17.76 -3.17 -13.52
N TYR A 115 17.13 -2.71 -14.65
CA TYR A 115 17.14 -3.61 -15.80
C TYR A 115 18.57 -3.84 -16.35
N ALA A 116 19.39 -2.80 -16.28
CA ALA A 116 20.78 -2.97 -16.72
C ALA A 116 21.51 -4.03 -15.84
N ARG A 117 21.20 -4.02 -14.54
CA ARG A 117 21.86 -4.97 -13.64
C ARG A 117 21.38 -6.40 -13.99
N CYS A 118 20.09 -6.57 -14.21
CA CYS A 118 19.56 -7.87 -14.64
C CYS A 118 20.27 -8.33 -15.92
N GLU A 119 20.49 -7.43 -16.88
CA GLU A 119 21.12 -7.88 -18.12
C GLU A 119 22.58 -8.28 -17.78
N GLN A 120 23.24 -7.51 -16.93
CA GLN A 120 24.65 -7.84 -16.61
C GLN A 120 24.79 -9.24 -15.99
N VAL A 121 23.82 -9.62 -15.16
CA VAL A 121 23.97 -10.94 -14.51
C VAL A 121 23.33 -12.08 -15.29
N GLY A 122 22.59 -11.81 -16.35
CA GLY A 122 22.06 -12.93 -17.11
C GLY A 122 20.60 -13.29 -16.92
N VAL A 123 19.83 -12.43 -16.27
CA VAL A 123 18.39 -12.66 -16.04
C VAL A 123 17.73 -12.48 -17.40
N ASP A 124 16.67 -13.27 -17.63
CA ASP A 124 15.92 -13.18 -18.90
C ASP A 124 14.63 -12.37 -18.89
N SER A 125 14.00 -12.31 -17.73
CA SER A 125 12.68 -11.63 -17.63
C SER A 125 12.44 -11.10 -16.27
N VAL A 126 11.49 -10.13 -16.20
CA VAL A 126 11.07 -9.62 -14.90
C VAL A 126 9.57 -9.37 -14.92
N LEU A 127 8.89 -9.93 -13.93
CA LEU A 127 7.50 -9.62 -13.61
C LEU A 127 7.48 -8.72 -12.41
N VAL A 128 6.89 -7.53 -12.49
CA VAL A 128 6.81 -6.67 -11.31
C VAL A 128 5.37 -6.83 -10.81
N ALA A 129 5.21 -7.41 -9.64
CA ALA A 129 3.86 -7.86 -9.25
C ALA A 129 2.81 -6.77 -9.05
N ASP A 130 3.28 -5.59 -8.61
CA ASP A 130 2.38 -4.45 -8.28
C ASP A 130 2.46 -3.34 -9.30
N VAL A 131 2.83 -3.71 -10.52
CA VAL A 131 2.73 -2.77 -11.65
C VAL A 131 1.77 -3.31 -12.69
N PRO A 132 0.57 -2.77 -12.77
CA PRO A 132 -0.41 -3.26 -13.75
C PRO A 132 -0.01 -2.71 -15.11
N VAL A 133 -0.65 -3.25 -16.14
CA VAL A 133 -0.29 -2.75 -17.48
C VAL A 133 -0.38 -1.25 -17.66
N GLU A 134 -1.37 -0.67 -17.00
CA GLU A 134 -1.61 0.76 -17.08
C GLU A 134 -0.44 1.58 -16.56
N GLU A 135 0.40 1.01 -15.68
CA GLU A 135 1.55 1.77 -15.14
C GLU A 135 2.87 1.24 -15.70
N SER A 136 2.80 0.33 -16.66
CA SER A 136 4.03 -0.40 -17.03
C SER A 136 4.98 0.27 -17.95
N ALA A 137 4.57 1.36 -18.58
CA ALA A 137 5.43 1.94 -19.64
C ALA A 137 6.95 2.07 -19.31
N PRO A 138 7.33 2.74 -18.24
CA PRO A 138 8.80 2.86 -17.99
C PRO A 138 9.50 1.55 -17.70
N PHE A 139 8.76 0.60 -17.12
CA PHE A 139 9.31 -0.72 -16.79
C PHE A 139 9.52 -1.51 -18.09
N ARG A 140 8.49 -1.57 -18.97
CA ARG A 140 8.66 -2.37 -20.18
C ARG A 140 9.71 -1.75 -21.09
N GLN A 141 9.74 -0.43 -21.17
CA GLN A 141 10.74 0.23 -22.02
C GLN A 141 12.16 -0.04 -21.53
N ALA A 142 12.36 0.06 -20.23
CA ALA A 142 13.68 -0.21 -19.69
C ALA A 142 14.03 -1.68 -19.90
N ALA A 143 13.06 -2.57 -19.74
CA ALA A 143 13.34 -4.00 -19.92
C ALA A 143 13.84 -4.24 -21.33
N LEU A 144 13.06 -3.77 -22.31
CA LEU A 144 13.42 -3.99 -23.68
C LEU A 144 14.76 -3.36 -24.05
N ARG A 145 15.10 -2.18 -23.53
CA ARG A 145 16.44 -1.61 -23.88
C ARG A 145 17.56 -2.50 -23.39
N HIS A 146 17.28 -3.30 -22.35
CA HIS A 146 18.37 -4.18 -21.78
C HIS A 146 18.18 -5.66 -22.07
N ASN A 147 17.42 -5.97 -23.12
CA ASN A 147 17.20 -7.35 -23.56
C ASN A 147 16.59 -8.23 -22.49
N ILE A 148 15.66 -7.64 -21.75
CA ILE A 148 14.96 -8.36 -20.70
C ILE A 148 13.52 -8.39 -21.14
N ALA A 149 12.89 -9.55 -20.99
CA ALA A 149 11.47 -9.69 -21.38
C ALA A 149 10.63 -9.13 -20.24
N PRO A 150 9.74 -8.17 -20.50
CA PRO A 150 8.81 -7.75 -19.47
C PRO A 150 7.60 -8.70 -19.49
N ILE A 151 7.30 -9.20 -18.31
CA ILE A 151 6.20 -10.17 -18.11
C ILE A 151 4.99 -9.50 -17.51
N PHE A 152 3.81 -9.84 -18.05
CA PHE A 152 2.55 -9.38 -17.48
C PHE A 152 1.69 -10.55 -17.04
N ILE A 153 0.92 -10.27 -15.97
CA ILE A 153 -0.10 -11.17 -15.48
C ILE A 153 -1.39 -11.00 -16.28
N CYS A 154 -1.98 -12.12 -16.69
CA CYS A 154 -3.30 -12.14 -17.32
C CYS A 154 -4.23 -12.72 -16.28
N PRO A 155 -5.02 -11.88 -15.66
CA PRO A 155 -5.87 -12.33 -14.55
C PRO A 155 -7.15 -12.97 -15.07
N PRO A 156 -7.84 -13.69 -14.20
CA PRO A 156 -9.06 -14.33 -14.60
C PRO A 156 -10.11 -13.32 -14.95
N ASN A 157 -10.07 -12.11 -14.36
CA ASN A 157 -11.08 -11.07 -14.62
C ASN A 157 -10.69 -10.19 -15.79
N ALA A 158 -9.77 -10.68 -16.66
CA ALA A 158 -9.31 -9.96 -17.85
C ALA A 158 -10.39 -9.74 -18.91
N ASP A 159 -10.52 -8.52 -19.40
CA ASP A 159 -11.38 -8.26 -20.54
C ASP A 159 -10.56 -8.27 -21.84
N ASP A 160 -11.25 -8.11 -22.96
CA ASP A 160 -10.57 -8.15 -24.22
C ASP A 160 -9.47 -7.08 -24.40
N ASP A 161 -9.71 -5.85 -23.98
CA ASP A 161 -8.72 -4.79 -24.08
C ASP A 161 -7.46 -5.25 -23.30
N LEU A 162 -7.62 -5.85 -22.14
CA LEU A 162 -6.46 -6.27 -21.34
C LEU A 162 -5.72 -7.41 -22.05
N LEU A 163 -6.47 -8.35 -22.60
CA LEU A 163 -5.80 -9.43 -23.35
C LEU A 163 -4.94 -8.91 -24.48
N ARG A 164 -5.49 -7.96 -25.24
CA ARG A 164 -4.73 -7.34 -26.32
C ARG A 164 -3.48 -6.62 -25.83
N GLN A 165 -3.62 -5.91 -24.70
CA GLN A 165 -2.49 -5.18 -24.14
C GLN A 165 -1.42 -6.15 -23.67
N VAL A 166 -1.84 -7.15 -22.93
CA VAL A 166 -0.91 -8.18 -22.45
C VAL A 166 -0.18 -8.83 -23.63
N ALA A 167 -0.91 -9.14 -24.68
CA ALA A 167 -0.31 -9.82 -25.78
C ALA A 167 0.67 -8.90 -26.49
N SER A 168 0.31 -7.63 -26.59
CA SER A 168 1.19 -6.65 -27.29
C SER A 168 2.52 -6.33 -26.56
N TYR A 169 2.43 -6.16 -25.25
CA TYR A 169 3.48 -5.64 -24.39
C TYR A 169 4.38 -6.71 -23.85
N GLY A 170 3.83 -7.88 -23.55
CA GLY A 170 4.65 -8.93 -22.93
C GLY A 170 5.64 -9.64 -23.86
N ARG A 171 6.68 -10.21 -23.27
CA ARG A 171 7.61 -11.04 -24.04
C ARG A 171 8.07 -12.20 -23.19
N GLY A 172 8.62 -13.25 -23.80
CA GLY A 172 9.11 -14.40 -23.02
C GLY A 172 8.02 -15.38 -22.67
N TYR A 173 7.19 -15.03 -21.68
CA TYR A 173 5.98 -15.82 -21.41
C TYR A 173 4.90 -14.86 -20.88
N THR A 174 3.65 -15.34 -20.87
CA THR A 174 2.57 -14.57 -20.24
C THR A 174 2.25 -15.28 -18.95
N TYR A 175 2.07 -14.54 -17.86
CA TYR A 175 1.78 -15.21 -16.57
C TYR A 175 0.29 -15.32 -16.46
N LEU A 176 -0.21 -16.54 -16.62
CA LEU A 176 -1.64 -16.75 -16.58
C LEU A 176 -2.01 -17.08 -15.18
N LEU A 177 -2.75 -16.20 -14.51
CA LEU A 177 -3.15 -16.49 -13.14
C LEU A 177 -4.20 -17.55 -13.07
N SER A 178 -4.07 -18.49 -12.15
CA SER A 178 -5.05 -19.57 -11.97
C SER A 178 -6.36 -19.00 -11.36
N ARG A 179 -6.24 -17.92 -10.58
CA ARG A 179 -7.35 -17.42 -9.77
C ARG A 179 -7.04 -16.06 -9.17
N SER A 180 -8.05 -15.47 -8.52
CA SER A 180 -7.86 -14.25 -7.78
C SER A 180 -7.13 -14.59 -6.47
N GLY A 181 -6.91 -13.61 -5.60
CA GLY A 181 -6.19 -13.93 -4.37
C GLY A 181 -4.68 -13.70 -4.45
N VAL A 182 -3.96 -14.30 -3.51
CA VAL A 182 -2.52 -14.15 -3.43
C VAL A 182 -1.86 -15.53 -3.54
N THR A 183 -0.53 -15.57 -3.59
CA THR A 183 0.10 -16.89 -3.77
C THR A 183 -0.26 -17.85 -2.61
N GLY A 184 -0.23 -19.17 -2.89
CA GLY A 184 -0.47 -20.14 -1.80
C GLY A 184 -0.90 -21.45 -2.41
N ALA A 185 -0.29 -22.52 -1.89
CA ALA A 185 -0.52 -23.86 -2.37
C ALA A 185 -1.84 -24.42 -1.86
N GLU A 186 -2.34 -23.89 -0.74
CA GLU A 186 -3.60 -24.36 -0.14
C GLU A 186 -4.78 -24.15 -1.12
N ASN A 187 -4.85 -22.95 -1.71
CA ASN A 187 -5.93 -22.48 -2.61
C ASN A 187 -5.74 -22.76 -4.12
N ARG A 188 -6.49 -23.74 -4.62
CA ARG A 188 -6.32 -24.15 -6.02
C ARG A 188 -7.31 -23.46 -6.91
N GLY A 189 -6.83 -22.98 -8.06
CA GLY A 189 -7.72 -22.36 -9.02
C GLY A 189 -8.48 -23.47 -9.71
N ALA A 190 -9.75 -23.26 -9.98
CA ALA A 190 -10.57 -24.25 -10.67
C ALA A 190 -11.33 -23.68 -11.88
N LEU A 191 -11.19 -22.39 -12.14
CA LEU A 191 -11.87 -21.78 -13.27
C LEU A 191 -11.36 -22.39 -14.59
N PRO A 192 -12.23 -22.53 -15.59
CA PRO A 192 -11.78 -23.05 -16.89
C PRO A 192 -10.87 -21.99 -17.54
N LEU A 193 -9.62 -22.23 -17.90
CA LEU A 193 -8.84 -21.13 -18.49
C LEU A 193 -8.67 -21.22 -20.01
N HIS A 194 -9.35 -22.19 -20.60
CA HIS A 194 -9.29 -22.44 -22.04
C HIS A 194 -9.52 -21.22 -22.92
N HIS A 195 -10.56 -20.44 -22.60
CA HIS A 195 -10.86 -19.24 -23.38
C HIS A 195 -9.77 -18.19 -23.34
N LEU A 196 -9.24 -17.90 -22.16
CA LEU A 196 -8.17 -16.93 -22.07
C LEU A 196 -6.98 -17.42 -22.89
N ILE A 197 -6.66 -18.70 -22.74
CA ILE A 197 -5.52 -19.27 -23.44
C ILE A 197 -5.65 -19.13 -24.96
N GLU A 198 -6.84 -19.38 -25.48
CA GLU A 198 -7.06 -19.28 -26.93
C GLU A 198 -6.99 -17.83 -27.42
N LYS A 199 -7.58 -16.94 -26.65
CA LYS A 199 -7.54 -15.53 -26.97
C LYS A 199 -6.10 -15.00 -26.98
N LEU A 200 -5.32 -15.41 -25.98
CA LEU A 200 -3.90 -15.02 -26.02
C LEU A 200 -3.13 -15.51 -27.25
N LYS A 201 -3.35 -16.76 -27.64
CA LYS A 201 -2.75 -17.31 -28.84
C LYS A 201 -3.27 -16.57 -30.08
N GLU A 202 -4.55 -16.25 -30.08
CA GLU A 202 -5.12 -15.51 -31.23
C GLU A 202 -4.43 -14.17 -31.42
N TYR A 203 -4.08 -13.54 -30.30
CA TYR A 203 -3.40 -12.23 -30.31
C TYR A 203 -1.85 -12.30 -30.31
N HIS A 204 -1.31 -13.51 -30.48
CA HIS A 204 0.11 -13.79 -30.61
C HIS A 204 0.92 -13.35 -29.38
N ALA A 205 0.31 -13.55 -28.25
CA ALA A 205 0.98 -13.29 -26.96
C ALA A 205 2.12 -14.26 -26.72
N ALA A 206 3.01 -13.89 -25.81
CA ALA A 206 4.03 -14.83 -25.44
C ALA A 206 3.37 -16.08 -24.86
N PRO A 207 4.02 -17.24 -24.97
CA PRO A 207 3.37 -18.47 -24.47
C PRO A 207 2.98 -18.38 -22.98
N ALA A 208 1.85 -18.98 -22.64
CA ALA A 208 1.32 -18.87 -21.27
C ALA A 208 1.88 -19.88 -20.27
N LEU A 209 2.29 -19.39 -19.12
CA LEU A 209 2.68 -20.28 -17.99
C LEU A 209 1.62 -20.03 -16.95
N GLN A 210 0.89 -21.09 -16.54
CA GLN A 210 -0.11 -20.95 -15.48
C GLN A 210 0.51 -20.91 -14.10
N GLY A 211 0.10 -19.93 -13.28
CA GLY A 211 0.64 -19.87 -11.91
C GLY A 211 -0.36 -19.37 -10.88
N PHE A 212 -0.04 -19.72 -9.61
CA PHE A 212 -0.85 -19.53 -8.38
C PHE A 212 -1.61 -20.83 -8.09
N GLY A 213 -1.33 -21.41 -6.90
CA GLY A 213 -2.03 -22.61 -6.43
C GLY A 213 -1.60 -23.95 -7.08
N ILE A 214 -0.60 -24.00 -7.96
CA ILE A 214 -0.22 -25.26 -8.65
C ILE A 214 0.67 -26.05 -7.71
N SER A 215 0.15 -27.16 -7.18
CA SER A 215 0.89 -27.89 -6.21
C SER A 215 0.93 -29.41 -6.43
N SER A 216 0.40 -29.89 -7.53
CA SER A 216 0.31 -31.32 -7.77
C SER A 216 0.49 -31.66 -9.24
N PRO A 217 0.95 -32.86 -9.51
CA PRO A 217 1.19 -33.25 -10.90
C PRO A 217 -0.03 -33.13 -11.79
N GLU A 218 -1.18 -33.44 -11.26
CA GLU A 218 -2.36 -33.43 -12.12
C GLU A 218 -2.68 -32.01 -12.54
N GLN A 219 -2.25 -31.05 -11.72
CA GLN A 219 -2.53 -29.68 -12.16
C GLN A 219 -1.55 -29.25 -13.28
N VAL A 220 -0.34 -29.81 -13.31
CA VAL A 220 0.57 -29.52 -14.40
C VAL A 220 0.02 -30.06 -15.73
N SER A 221 -0.42 -31.34 -15.70
CA SER A 221 -0.92 -31.93 -16.92
C SER A 221 -2.24 -31.23 -17.37
N ALA A 222 -3.06 -30.85 -16.41
CA ALA A 222 -4.27 -30.12 -16.75
C ALA A 222 -3.93 -28.79 -17.45
N ALA A 223 -2.93 -28.08 -16.95
CA ALA A 223 -2.59 -26.77 -17.57
C ALA A 223 -2.13 -26.97 -19.01
N VAL A 224 -1.32 -28.00 -19.24
CA VAL A 224 -0.78 -28.27 -20.56
C VAL A 224 -1.94 -28.70 -21.51
N ARG A 225 -2.87 -29.47 -20.98
CA ARG A 225 -3.97 -29.96 -21.80
C ARG A 225 -4.89 -28.84 -22.22
N ALA A 226 -5.04 -27.85 -21.33
CA ALA A 226 -5.88 -26.70 -21.65
C ALA A 226 -5.25 -25.78 -22.69
N GLY A 227 -4.00 -26.03 -23.05
CA GLY A 227 -3.28 -25.21 -24.01
C GLY A 227 -2.16 -24.30 -23.50
N ALA A 228 -1.94 -24.29 -22.19
CA ALA A 228 -0.82 -23.48 -21.67
C ALA A 228 0.51 -24.14 -22.05
N ALA A 229 1.55 -23.35 -22.09
CA ALA A 229 2.87 -23.84 -22.40
C ALA A 229 3.57 -24.49 -21.21
N GLY A 230 2.99 -24.31 -20.04
CA GLY A 230 3.57 -24.85 -18.82
C GLY A 230 2.93 -24.32 -17.59
N ALA A 231 3.60 -24.57 -16.48
CA ALA A 231 3.09 -24.18 -15.20
C ALA A 231 4.15 -23.80 -14.23
N ILE A 232 3.81 -22.83 -13.36
CA ILE A 232 4.74 -22.39 -12.30
C ILE A 232 4.22 -22.84 -10.94
N SER A 233 5.15 -23.29 -10.09
CA SER A 233 4.78 -23.70 -8.71
C SER A 233 5.72 -23.07 -7.70
N GLY A 234 5.20 -22.30 -6.74
CA GLY A 234 6.12 -21.65 -5.83
C GLY A 234 5.88 -22.07 -4.40
N SER A 235 4.68 -21.74 -3.87
CA SER A 235 4.38 -22.13 -2.49
C SER A 235 4.59 -23.59 -2.20
N ALA A 236 4.23 -24.44 -3.14
CA ALA A 236 4.46 -25.87 -2.91
C ALA A 236 5.91 -26.19 -2.71
N ILE A 237 6.78 -25.52 -3.48
CA ILE A 237 8.22 -25.75 -3.33
C ILE A 237 8.69 -25.17 -2.01
N VAL A 238 8.26 -23.94 -1.72
CA VAL A 238 8.69 -23.23 -0.55
C VAL A 238 8.26 -23.97 0.70
N LYS A 239 7.10 -24.61 0.68
CA LYS A 239 6.67 -25.40 1.83
C LYS A 239 7.60 -26.54 2.12
N ILE A 240 8.22 -27.10 1.09
CA ILE A 240 9.19 -28.19 1.33
C ILE A 240 10.41 -27.62 2.03
N ILE A 241 10.78 -26.37 1.71
CA ILE A 241 11.85 -25.73 2.45
C ILE A 241 11.46 -25.54 3.92
N GLU A 242 10.30 -24.94 4.13
CA GLU A 242 9.87 -24.61 5.47
C GLU A 242 9.75 -25.84 6.34
N LYS A 243 9.33 -26.96 5.77
CA LYS A 243 9.08 -28.12 6.65
C LYS A 243 10.37 -28.87 6.97
N ASN A 244 11.40 -28.57 6.21
CA ASN A 244 12.69 -29.30 6.35
C ASN A 244 13.86 -28.44 6.81
N LEU A 245 13.56 -27.32 7.45
CA LEU A 245 14.63 -26.40 7.82
C LEU A 245 15.70 -27.08 8.65
N ALA A 246 15.27 -28.00 9.53
CA ALA A 246 16.26 -28.64 10.38
C ALA A 246 17.09 -29.71 9.69
N SER A 247 16.69 -30.18 8.50
CA SER A 247 17.52 -31.17 7.81
C SER A 247 17.75 -30.77 6.38
N PRO A 248 18.82 -30.01 6.16
CA PRO A 248 19.12 -29.51 4.81
C PRO A 248 19.26 -30.60 3.78
N LYS A 249 19.81 -31.75 4.17
CA LYS A 249 19.95 -32.88 3.24
C LYS A 249 18.62 -33.47 2.85
N GLN A 250 17.73 -33.66 3.82
CA GLN A 250 16.39 -34.17 3.56
C GLN A 250 15.60 -33.13 2.75
N MET A 251 15.86 -31.85 3.02
CA MET A 251 15.19 -30.80 2.24
C MET A 251 15.50 -30.97 0.74
N LEU A 252 16.76 -31.15 0.36
CA LEU A 252 17.08 -31.33 -1.05
C LEU A 252 16.51 -32.62 -1.66
N ALA A 253 16.48 -33.72 -0.88
CA ALA A 253 15.92 -34.94 -1.37
C ALA A 253 14.44 -34.79 -1.71
N GLU A 254 13.69 -34.14 -0.83
CA GLU A 254 12.24 -33.98 -1.03
C GLU A 254 11.99 -33.01 -2.19
N LEU A 255 12.85 -32.00 -2.32
CA LEU A 255 12.66 -31.05 -3.44
C LEU A 255 12.89 -31.81 -4.74
N ARG A 256 13.91 -32.65 -4.75
CA ARG A 256 14.17 -33.43 -5.93
C ARG A 256 12.97 -34.31 -6.31
N SER A 257 12.44 -35.05 -5.34
CA SER A 257 11.31 -35.91 -5.57
C SER A 257 10.13 -35.15 -6.10
N PHE A 258 9.83 -33.99 -5.52
CA PHE A 258 8.68 -33.23 -5.97
C PHE A 258 8.86 -32.63 -7.35
N VAL A 259 10.02 -32.01 -7.61
CA VAL A 259 10.21 -31.41 -8.93
C VAL A 259 10.22 -32.49 -10.02
N SER A 260 10.83 -33.65 -9.71
CA SER A 260 10.86 -34.70 -10.70
C SER A 260 9.41 -35.12 -11.12
N ALA A 261 8.58 -35.20 -10.09
CA ALA A 261 7.16 -35.63 -10.29
C ALA A 261 6.43 -34.58 -11.09
N MET A 262 6.61 -33.31 -10.72
CA MET A 262 5.92 -32.24 -11.41
C MET A 262 6.42 -32.17 -12.82
N LYS A 263 7.73 -32.30 -13.02
CA LYS A 263 8.23 -32.26 -14.41
C LYS A 263 7.71 -33.45 -15.24
N ALA A 264 7.62 -34.64 -14.64
CA ALA A 264 7.15 -35.79 -15.39
C ALA A 264 5.73 -35.54 -15.93
N ALA A 265 4.92 -34.84 -15.15
CA ALA A 265 3.53 -34.55 -15.52
C ALA A 265 3.37 -33.62 -16.72
N SER A 266 4.44 -32.96 -17.10
CA SER A 266 4.36 -32.00 -18.21
C SER A 266 4.62 -32.65 -19.56
N ARG A 267 5.11 -33.90 -19.51
CA ARG A 267 5.48 -34.69 -20.70
C ARG A 267 4.24 -35.39 -21.18
N THR B 1 -7.20 3.02 -18.36
CA THR B 1 -7.97 4.27 -18.70
C THR B 1 -8.76 4.62 -17.48
N THR B 2 -8.79 5.87 -17.15
CA THR B 2 -9.63 6.32 -15.95
C THR B 2 -10.36 7.57 -16.27
N LEU B 3 -11.35 7.88 -15.44
CA LEU B 3 -12.15 9.07 -15.65
C LEU B 3 -11.46 10.33 -15.16
N LEU B 4 -10.66 10.17 -14.09
CA LEU B 4 -9.96 11.27 -13.42
C LEU B 4 -8.45 10.98 -13.46
N ASN B 5 -7.65 12.04 -13.38
CA ASN B 5 -6.19 11.85 -13.42
C ASN B 5 -5.73 11.16 -12.09
N PRO B 6 -5.06 10.05 -12.26
CA PRO B 6 -4.56 9.32 -11.06
C PRO B 6 -3.30 9.93 -10.43
N TYR B 7 -2.71 10.91 -11.08
CA TYR B 7 -1.46 11.58 -10.64
C TYR B 7 -1.67 13.04 -10.24
N PHE B 8 -0.84 13.47 -9.27
CA PHE B 8 -0.66 14.87 -8.84
C PHE B 8 0.78 15.10 -9.23
N GLY B 9 0.96 15.65 -10.44
CA GLY B 9 2.36 15.73 -10.91
C GLY B 9 2.92 14.32 -11.05
N GLU B 10 4.13 14.06 -10.52
CA GLU B 10 4.75 12.74 -10.63
C GLU B 10 4.25 11.75 -9.60
N PHE B 11 3.45 12.22 -8.65
CA PHE B 11 3.09 11.38 -7.48
C PHE B 11 1.68 10.81 -7.61
N GLY B 12 1.54 9.56 -7.17
CA GLY B 12 0.21 8.94 -7.15
C GLY B 12 0.22 7.68 -7.95
N GLY B 13 -0.79 7.52 -8.85
CA GLY B 13 -0.80 6.29 -9.66
C GLY B 13 -1.66 5.18 -9.04
N MET B 14 -1.58 4.02 -9.68
CA MET B 14 -2.37 2.86 -9.37
C MET B 14 -1.46 1.59 -9.40
N TYR B 15 -0.53 1.52 -8.43
CA TYR B 15 0.46 0.44 -8.41
C TYR B 15 -0.05 -0.71 -7.59
N VAL B 16 -1.06 -1.36 -8.15
CA VAL B 16 -1.56 -2.57 -7.55
C VAL B 16 -1.41 -3.77 -8.52
N PRO B 17 -1.43 -5.00 -8.02
CA PRO B 17 -1.46 -6.13 -8.96
C PRO B 17 -2.65 -6.01 -9.91
N GLN B 18 -2.50 -6.50 -11.14
CA GLN B 18 -3.55 -6.36 -12.17
C GLN B 18 -4.95 -6.81 -11.71
N ILE B 19 -4.98 -7.89 -10.91
CA ILE B 19 -6.26 -8.41 -10.44
C ILE B 19 -7.11 -7.37 -9.71
N LEU B 20 -6.51 -6.34 -9.08
CA LEU B 20 -7.27 -5.29 -8.34
C LEU B 20 -7.67 -4.11 -9.21
N MET B 21 -7.20 -4.07 -10.45
CA MET B 21 -7.56 -2.90 -11.25
C MET B 21 -9.06 -2.77 -11.53
N PRO B 22 -9.78 -3.84 -11.82
CA PRO B 22 -11.23 -3.64 -11.98
C PRO B 22 -11.93 -3.05 -10.73
N ALA B 23 -11.51 -3.47 -9.56
CA ALA B 23 -12.09 -2.92 -8.34
C ALA B 23 -11.82 -1.38 -8.26
N LEU B 24 -10.59 -0.95 -8.62
CA LEU B 24 -10.30 0.49 -8.57
C LEU B 24 -11.09 1.23 -9.60
N ASN B 25 -11.22 0.65 -10.79
CA ASN B 25 -12.00 1.35 -11.85
C ASN B 25 -13.50 1.44 -11.43
N GLN B 26 -14.00 0.35 -10.88
CA GLN B 26 -15.39 0.32 -10.41
C GLN B 26 -15.60 1.44 -9.35
N LEU B 27 -14.66 1.50 -8.39
CA LEU B 27 -14.79 2.52 -7.34
C LEU B 27 -14.72 3.94 -7.88
N GLU B 28 -13.79 4.18 -8.82
CA GLU B 28 -13.68 5.51 -9.38
C GLU B 28 -14.99 5.86 -10.08
N GLU B 29 -15.54 4.88 -10.81
CA GLU B 29 -16.78 5.25 -11.57
C GLU B 29 -17.93 5.52 -10.60
N ALA B 30 -18.01 4.72 -9.55
CA ALA B 30 -19.10 4.92 -8.51
C ALA B 30 -18.98 6.28 -7.82
N PHE B 31 -17.73 6.68 -7.54
CA PHE B 31 -17.48 7.93 -6.94
C PHE B 31 -17.88 9.08 -7.84
N VAL B 32 -17.47 9.04 -9.11
CA VAL B 32 -17.81 10.11 -10.06
C VAL B 32 -19.32 10.22 -10.14
N SER B 33 -19.99 9.08 -10.15
CA SER B 33 -21.44 9.10 -10.23
C SER B 33 -22.08 9.65 -8.95
N ALA B 34 -21.59 9.18 -7.83
CA ALA B 34 -22.11 9.71 -6.56
C ALA B 34 -21.97 11.21 -6.42
N GLN B 35 -20.87 11.77 -6.89
CA GLN B 35 -20.59 13.19 -6.75
C GLN B 35 -21.56 14.03 -7.59
N LYS B 36 -22.21 13.44 -8.59
CA LYS B 36 -23.20 14.21 -9.34
C LYS B 36 -24.61 13.85 -8.90
N ASP B 37 -24.75 13.03 -7.88
CA ASP B 37 -26.06 12.49 -7.51
C ASP B 37 -26.66 13.25 -6.32
N PRO B 38 -27.74 14.04 -6.53
CA PRO B 38 -28.26 14.84 -5.42
C PRO B 38 -28.71 14.02 -4.24
N GLU B 39 -29.20 12.82 -4.49
CA GLU B 39 -29.69 11.94 -3.43
C GLU B 39 -28.54 11.40 -2.62
N PHE B 40 -27.42 11.05 -3.25
CA PHE B 40 -26.24 10.62 -2.48
C PHE B 40 -25.76 11.82 -1.65
N GLN B 41 -25.66 13.00 -2.24
CA GLN B 41 -25.17 14.15 -1.52
C GLN B 41 -26.08 14.47 -0.33
N ALA B 42 -27.37 14.38 -0.52
CA ALA B 42 -28.32 14.61 0.62
C ALA B 42 -28.18 13.58 1.73
N GLN B 43 -28.01 12.33 1.33
CA GLN B 43 -27.84 11.30 2.32
C GLN B 43 -26.53 11.48 3.14
N PHE B 44 -25.46 11.83 2.43
CA PHE B 44 -24.15 12.04 3.10
C PHE B 44 -24.31 13.23 4.06
N ALA B 45 -24.89 14.32 3.58
CA ALA B 45 -25.05 15.49 4.43
C ALA B 45 -25.90 15.20 5.66
N ASP B 46 -26.99 14.43 5.43
CA ASP B 46 -27.80 14.07 6.59
C ASP B 46 -27.03 13.28 7.65
N LEU B 47 -26.22 12.31 7.23
CA LEU B 47 -25.46 11.57 8.25
C LEU B 47 -24.44 12.52 8.90
N LEU B 48 -23.78 13.38 8.11
CA LEU B 48 -22.80 14.27 8.69
C LEU B 48 -23.41 15.19 9.76
N LYS B 49 -24.60 15.71 9.47
CA LYS B 49 -25.26 16.64 10.36
C LYS B 49 -25.89 15.93 11.59
N ASN B 50 -26.74 14.95 11.29
CA ASN B 50 -27.58 14.41 12.35
C ASN B 50 -27.05 13.22 13.10
N TYR B 51 -25.99 12.60 12.55
CA TYR B 51 -25.28 11.51 13.19
C TYR B 51 -23.91 11.90 13.69
N ALA B 52 -23.13 12.55 12.85
CA ALA B 52 -21.79 12.90 13.25
C ALA B 52 -21.62 14.23 13.98
N GLY B 53 -22.60 15.14 13.84
CA GLY B 53 -22.49 16.42 14.55
C GLY B 53 -21.84 17.60 13.80
N ARG B 54 -21.90 17.58 12.47
CA ARG B 54 -21.47 18.74 11.67
C ARG B 54 -22.55 19.78 11.59
N PRO B 55 -22.17 21.05 11.47
CA PRO B 55 -20.79 21.50 11.38
C PRO B 55 -20.16 21.52 12.74
N THR B 56 -18.83 21.40 12.74
CA THR B 56 -18.05 21.51 14.01
C THR B 56 -17.67 23.00 14.25
N ALA B 57 -17.53 23.36 15.53
CA ALA B 57 -17.18 24.69 15.90
C ALA B 57 -15.84 25.16 15.42
N LEU B 58 -15.71 26.49 15.38
CA LEU B 58 -14.36 27.15 15.11
C LEU B 58 -14.15 27.97 16.36
N THR B 59 -13.16 27.60 17.19
CA THR B 59 -13.01 28.19 18.50
C THR B 59 -11.82 29.16 18.54
N LYS B 60 -12.07 30.38 18.98
CA LYS B 60 -10.95 31.37 19.06
C LYS B 60 -10.21 31.10 20.38
N CYS B 61 -8.89 31.16 20.38
CA CYS B 61 -8.08 30.90 21.54
C CYS B 61 -7.39 32.17 22.05
N GLN B 62 -8.15 33.08 22.59
CA GLN B 62 -7.47 34.28 23.12
C GLN B 62 -6.53 34.07 24.32
N ASN B 63 -6.76 33.12 25.22
CA ASN B 63 -5.80 32.98 26.33
C ASN B 63 -4.39 32.58 25.82
N ILE B 64 -4.34 31.71 24.80
CA ILE B 64 -3.05 31.27 24.26
C ILE B 64 -2.27 32.40 23.65
N THR B 65 -2.95 33.33 23.02
CA THR B 65 -2.26 34.37 22.16
C THR B 65 -2.07 35.69 22.87
N ALA B 66 -2.54 35.80 24.10
CA ALA B 66 -2.43 37.06 24.83
C ALA B 66 -1.01 37.66 24.78
N GLY B 67 -0.94 38.97 24.51
CA GLY B 67 0.37 39.60 24.52
C GLY B 67 1.07 39.56 23.18
N THR B 68 0.46 38.93 22.20
CA THR B 68 1.01 38.84 20.85
C THR B 68 0.07 39.36 19.82
N ARG B 69 0.48 39.42 18.55
CA ARG B 69 -0.41 39.87 17.46
C ARG B 69 -0.91 38.68 16.63
N THR B 70 -0.80 37.45 17.18
CA THR B 70 -1.42 36.30 16.56
C THR B 70 -2.90 36.19 17.03
N THR B 71 -3.82 35.98 16.10
CA THR B 71 -5.19 35.53 16.45
C THR B 71 -5.26 34.08 15.99
N LEU B 72 -5.65 33.16 16.86
CA LEU B 72 -5.66 31.73 16.56
C LEU B 72 -7.04 31.11 16.80
N TYR B 73 -7.47 30.39 15.78
CA TYR B 73 -8.73 29.61 15.88
C TYR B 73 -8.37 28.16 15.72
N LEU B 74 -9.15 27.33 16.40
CA LEU B 74 -9.04 25.88 16.22
C LEU B 74 -10.30 25.30 15.55
N LYS B 75 -10.12 24.53 14.49
CA LYS B 75 -11.29 23.92 13.86
C LYS B 75 -11.52 22.65 14.65
N ARG B 76 -12.75 22.51 15.22
CA ARG B 76 -12.96 21.50 16.26
C ARG B 76 -13.39 20.12 15.83
N GLU B 77 -12.49 19.44 15.06
CA GLU B 77 -12.81 18.07 14.70
C GLU B 77 -12.78 17.12 15.90
N ASP B 78 -12.22 17.56 17.02
CA ASP B 78 -12.25 16.77 18.27
C ASP B 78 -13.69 16.63 18.73
N LEU B 79 -14.59 17.51 18.27
CA LEU B 79 -16.02 17.40 18.67
C LEU B 79 -16.82 16.55 17.71
N LEU B 80 -16.25 15.98 16.67
CA LEU B 80 -17.03 15.13 15.76
C LEU B 80 -17.24 13.78 16.46
N HIS B 81 -18.35 13.11 16.12
CA HIS B 81 -18.64 11.80 16.67
C HIS B 81 -17.45 10.88 16.45
N GLY B 82 -16.94 10.17 17.47
CA GLY B 82 -15.77 9.31 17.36
C GLY B 82 -14.55 10.06 17.86
N GLY B 83 -14.61 11.39 17.97
CA GLY B 83 -13.45 12.09 18.49
C GLY B 83 -12.35 12.47 17.52
N ALA B 84 -12.56 12.25 16.25
CA ALA B 84 -11.54 12.66 15.25
C ALA B 84 -12.20 12.81 13.93
N HIS B 85 -11.48 13.50 13.05
CA HIS B 85 -12.01 13.81 11.71
C HIS B 85 -12.26 12.60 10.88
N LYS B 86 -11.69 11.42 11.22
CA LYS B 86 -11.79 10.21 10.33
C LYS B 86 -13.25 9.80 10.02
N THR B 87 -14.17 10.16 10.94
CA THR B 87 -15.56 9.79 10.82
C THR B 87 -16.18 10.39 9.51
N ASN B 88 -15.72 11.59 9.13
CA ASN B 88 -16.33 12.16 7.92
C ASN B 88 -16.23 11.20 6.71
N GLN B 89 -15.01 10.70 6.44
CA GLN B 89 -14.76 10.03 5.16
C GLN B 89 -15.20 8.54 5.26
N VAL B 90 -15.14 7.93 6.46
CA VAL B 90 -15.67 6.55 6.53
C VAL B 90 -17.18 6.54 6.21
N LEU B 91 -17.93 7.60 6.57
CA LEU B 91 -19.37 7.61 6.28
C LEU B 91 -19.57 7.70 4.77
N GLY B 92 -18.78 8.55 4.12
CA GLY B 92 -18.92 8.67 2.65
C GLY B 92 -18.49 7.33 2.00
N GLN B 93 -17.35 6.76 2.38
CA GLN B 93 -16.93 5.53 1.78
C GLN B 93 -17.96 4.38 2.01
N ALA B 94 -18.60 4.33 3.19
CA ALA B 94 -19.64 3.33 3.50
C ALA B 94 -20.80 3.49 2.55
N LEU B 95 -21.18 4.75 2.29
CA LEU B 95 -22.23 4.99 1.34
C LEU B 95 -21.78 4.59 -0.04
N LEU B 96 -20.54 4.82 -0.47
CA LEU B 96 -20.08 4.38 -1.81
C LEU B 96 -20.16 2.85 -1.91
N ALA B 97 -19.78 2.17 -0.85
CA ALA B 97 -19.81 0.68 -0.78
C ALA B 97 -21.26 0.22 -1.06
N LYS B 98 -22.21 0.88 -0.39
CA LYS B 98 -23.62 0.46 -0.61
C LYS B 98 -24.09 0.81 -2.00
N ARG B 99 -23.62 1.94 -2.53
CA ARG B 99 -24.02 2.30 -3.86
C ARG B 99 -23.57 1.25 -4.89
N MET B 100 -22.45 0.62 -4.67
CA MET B 100 -21.92 -0.40 -5.55
C MET B 100 -22.50 -1.78 -5.24
N GLY B 101 -23.35 -1.86 -4.22
CA GLY B 101 -23.97 -3.15 -3.86
C GLY B 101 -23.11 -4.06 -2.99
N LYS B 102 -22.04 -3.54 -2.42
CA LYS B 102 -21.22 -4.32 -1.50
C LYS B 102 -21.77 -4.33 -0.11
N SER B 103 -21.57 -5.46 0.58
CA SER B 103 -22.13 -5.66 1.93
C SER B 103 -21.08 -5.83 3.02
N GLU B 104 -19.82 -5.87 2.61
CA GLU B 104 -18.72 -6.12 3.54
C GLU B 104 -17.69 -5.00 3.38
N ILE B 105 -17.03 -4.71 4.49
CA ILE B 105 -15.95 -3.66 4.59
C ILE B 105 -14.72 -4.29 5.13
N ILE B 106 -13.59 -3.95 4.50
CA ILE B 106 -12.24 -4.34 4.98
C ILE B 106 -11.61 -3.02 5.34
N ALA B 107 -10.92 -2.94 6.49
CA ALA B 107 -10.12 -1.73 6.74
C ALA B 107 -8.84 -2.07 7.46
N GLU B 108 -7.82 -1.23 7.32
CA GLU B 108 -6.62 -1.38 8.13
C GLU B 108 -6.58 -0.34 9.26
N THR B 109 -5.80 -0.56 10.34
CA THR B 109 -5.62 0.54 11.28
C THR B 109 -4.31 0.35 12.03
N GLY B 110 -3.72 1.49 12.41
CA GLY B 110 -2.48 1.53 13.19
C GLY B 110 -2.85 1.74 14.68
N ALA B 111 -3.13 3.00 15.02
CA ALA B 111 -3.45 3.37 16.39
C ALA B 111 -4.87 2.98 16.78
N GLY B 112 -5.66 2.62 15.77
CA GLY B 112 -6.99 2.10 16.03
C GLY B 112 -8.14 3.05 15.73
N GLN B 113 -7.81 4.31 15.53
CA GLN B 113 -8.86 5.30 15.35
C GLN B 113 -9.57 5.00 14.02
N HIS B 114 -8.82 4.63 12.97
CA HIS B 114 -9.47 4.31 11.72
C HIS B 114 -10.37 3.04 11.87
N GLY B 115 -9.91 2.07 12.64
CA GLY B 115 -10.71 0.86 12.87
C GLY B 115 -12.00 1.16 13.62
N VAL B 116 -11.94 1.96 14.68
CA VAL B 116 -13.16 2.42 15.38
C VAL B 116 -14.07 3.17 14.44
N ALA B 117 -13.49 4.08 13.66
CA ALA B 117 -14.30 4.82 12.70
C ALA B 117 -14.99 3.89 11.69
N SER B 118 -14.24 2.92 11.19
CA SER B 118 -14.80 2.04 10.17
C SER B 118 -15.91 1.17 10.82
N ALA B 119 -15.67 0.79 12.06
CA ALA B 119 -16.63 -0.08 12.71
C ALA B 119 -17.90 0.69 12.99
N LEU B 120 -17.78 1.95 13.34
CA LEU B 120 -19.02 2.67 13.70
C LEU B 120 -19.84 2.94 12.47
N ALA B 121 -19.18 3.30 11.37
CA ALA B 121 -19.94 3.55 10.14
C ALA B 121 -20.60 2.28 9.65
N SER B 122 -19.88 1.16 9.79
CA SER B 122 -20.42 -0.12 9.29
C SER B 122 -21.57 -0.57 10.16
N ALA B 123 -21.47 -0.37 11.50
CA ALA B 123 -22.63 -0.67 12.37
C ALA B 123 -23.84 0.17 11.96
N LEU B 124 -23.66 1.46 11.79
CA LEU B 124 -24.82 2.29 11.44
C LEU B 124 -25.49 1.89 10.12
N LEU B 125 -24.68 1.54 9.11
CA LEU B 125 -25.16 1.38 7.75
C LEU B 125 -25.35 -0.10 7.34
N GLY B 126 -25.22 -1.03 8.28
CA GLY B 126 -25.49 -2.45 8.00
C GLY B 126 -24.50 -3.22 7.18
N LEU B 127 -23.24 -2.87 7.38
CA LEU B 127 -22.21 -3.52 6.66
C LEU B 127 -21.43 -4.43 7.59
N LYS B 128 -20.92 -5.54 7.07
CA LYS B 128 -20.15 -6.46 7.89
C LYS B 128 -18.66 -6.03 7.78
N CYS B 129 -18.06 -5.68 8.90
CA CYS B 129 -16.73 -5.07 8.92
C CYS B 129 -15.67 -5.99 9.51
N ARG B 130 -14.56 -6.11 8.79
CA ARG B 130 -13.36 -6.78 9.28
C ARG B 130 -12.19 -5.81 9.18
N ILE B 131 -11.38 -5.81 10.25
CA ILE B 131 -10.31 -4.85 10.41
C ILE B 131 -8.98 -5.52 10.55
N TYR B 132 -7.98 -5.08 9.81
CA TYR B 132 -6.62 -5.64 10.00
C TYR B 132 -5.76 -4.73 10.86
N MET B 133 -5.00 -5.28 11.79
CA MET B 133 -4.25 -4.42 12.69
C MET B 133 -2.99 -5.20 13.05
N GLY B 134 -1.84 -4.52 12.89
CA GLY B 134 -0.53 -5.11 13.28
C GLY B 134 -0.61 -5.64 14.70
N ALA B 135 -0.12 -6.87 14.95
CA ALA B 135 -0.23 -7.43 16.30
C ALA B 135 0.46 -6.55 17.35
N LYS B 136 1.54 -5.83 16.99
CA LYS B 136 2.20 -4.95 18.00
C LYS B 136 1.22 -3.80 18.33
N ASP B 137 0.47 -3.37 17.32
CA ASP B 137 -0.52 -2.35 17.59
C ASP B 137 -1.70 -2.90 18.35
N VAL B 138 -2.09 -4.12 18.08
CA VAL B 138 -3.19 -4.72 18.87
C VAL B 138 -2.85 -4.71 20.36
N GLU B 139 -1.61 -5.09 20.66
CA GLU B 139 -1.20 -5.17 22.05
C GLU B 139 -1.25 -3.83 22.78
N ARG B 140 -0.89 -2.75 22.09
CA ARG B 140 -0.85 -1.42 22.70
C ARG B 140 -2.08 -0.55 22.50
N GLN B 141 -3.13 -1.09 21.85
CA GLN B 141 -4.35 -0.32 21.70
C GLN B 141 -5.54 -1.16 22.14
N SER B 142 -5.42 -1.87 23.29
CA SER B 142 -6.55 -2.71 23.74
C SER B 142 -7.91 -1.96 23.81
N PRO B 143 -7.94 -0.73 24.33
CA PRO B 143 -9.21 0.05 24.31
C PRO B 143 -9.88 0.14 22.91
N ASN B 144 -9.12 0.54 21.92
CA ASN B 144 -9.68 0.66 20.57
C ASN B 144 -10.14 -0.68 20.06
N VAL B 145 -9.36 -1.75 20.33
CA VAL B 145 -9.74 -3.06 19.84
C VAL B 145 -11.09 -3.50 20.45
N PHE B 146 -11.27 -3.20 21.72
CA PHE B 146 -12.52 -3.54 22.36
C PHE B 146 -13.73 -2.70 21.85
N ARG B 147 -13.46 -1.42 21.58
CA ARG B 147 -14.51 -0.59 20.98
C ARG B 147 -14.93 -1.18 19.63
N MET B 148 -13.92 -1.55 18.79
CA MET B 148 -14.27 -2.16 17.47
C MET B 148 -15.18 -3.40 17.64
N ARG B 149 -14.82 -4.25 18.58
CA ARG B 149 -15.59 -5.46 18.78
C ARG B 149 -16.99 -5.15 19.38
N LEU B 150 -17.08 -4.21 20.31
CA LEU B 150 -18.39 -3.80 20.85
C LEU B 150 -19.30 -3.36 19.68
N MET B 151 -18.73 -2.71 18.66
CA MET B 151 -19.46 -2.24 17.48
C MET B 151 -19.70 -3.30 16.41
N GLY B 152 -19.28 -4.55 16.73
CA GLY B 152 -19.54 -5.68 15.90
C GLY B 152 -18.58 -5.98 14.78
N ALA B 153 -17.45 -5.30 14.76
CA ALA B 153 -16.47 -5.60 13.73
C ALA B 153 -15.59 -6.78 14.21
N GLU B 154 -15.04 -7.52 13.25
CA GLU B 154 -14.05 -8.57 13.48
C GLU B 154 -12.64 -7.91 13.38
N VAL B 155 -11.78 -8.04 14.39
CA VAL B 155 -10.44 -7.45 14.39
C VAL B 155 -9.46 -8.60 14.24
N ILE B 156 -8.62 -8.51 13.19
CA ILE B 156 -7.69 -9.62 12.87
C ILE B 156 -6.26 -9.11 13.00
N PRO B 157 -5.55 -9.65 13.97
CA PRO B 157 -4.15 -9.28 14.17
C PRO B 157 -3.26 -9.75 13.05
N VAL B 158 -2.26 -8.92 12.69
CA VAL B 158 -1.38 -9.22 11.59
C VAL B 158 0.05 -9.37 12.19
N HIS B 159 0.65 -10.54 11.99
CA HIS B 159 1.93 -10.86 12.61
C HIS B 159 3.11 -10.80 11.65
N SER B 160 2.83 -10.61 10.37
CA SER B 160 3.89 -10.55 9.37
C SER B 160 4.65 -9.24 9.45
N GLY B 161 5.86 -9.26 8.90
CA GLY B 161 6.72 -8.07 8.80
C GLY B 161 6.95 -7.47 10.17
N SER B 162 6.72 -6.17 10.28
CA SER B 162 6.96 -5.47 11.52
C SER B 162 5.73 -5.51 12.49
N ALA B 163 4.63 -6.15 12.02
CA ALA B 163 3.44 -6.30 12.83
C ALA B 163 2.88 -4.97 13.22
N THR B 164 2.99 -4.00 12.31
CA THR B 164 2.40 -2.64 12.60
C THR B 164 1.60 -2.19 11.33
N LEU B 165 1.39 -0.88 11.19
CA LEU B 165 0.43 -0.37 10.19
C LEU B 165 0.74 -0.80 8.79
N LYS B 166 1.96 -0.63 8.34
CA LYS B 166 2.23 -1.07 6.95
C LYS B 166 1.85 -2.55 6.71
N ASP B 167 2.06 -3.40 7.69
CA ASP B 167 1.76 -4.81 7.47
C ASP B 167 0.26 -5.05 7.48
N ALA B 168 -0.48 -4.23 8.26
CA ALA B 168 -1.94 -4.33 8.14
C ALA B 168 -2.42 -3.81 6.76
N CYS B 169 -1.78 -2.75 6.25
CA CYS B 169 -2.07 -2.27 4.90
C CYS B 169 -1.87 -3.40 3.90
N ASN B 170 -0.74 -4.09 3.97
CA ASN B 170 -0.55 -5.22 3.05
C ASN B 170 -1.65 -6.27 3.14
N GLU B 171 -1.99 -6.63 4.36
CA GLU B 171 -2.94 -7.74 4.57
C GLU B 171 -4.32 -7.35 4.10
N ALA B 172 -4.67 -6.06 4.28
CA ALA B 172 -5.93 -5.64 3.74
C ALA B 172 -6.01 -5.83 2.26
N LEU B 173 -4.93 -5.43 1.55
CA LEU B 173 -4.87 -5.58 0.09
C LEU B 173 -4.83 -7.05 -0.32
N ARG B 174 -4.14 -7.90 0.43
CA ARG B 174 -4.15 -9.32 0.10
C ARG B 174 -5.63 -9.84 0.17
N ASP B 175 -6.35 -9.46 1.22
CA ASP B 175 -7.73 -9.91 1.31
C ASP B 175 -8.59 -9.38 0.15
N TRP B 176 -8.48 -8.09 -0.13
CA TRP B 176 -9.31 -7.52 -1.16
C TRP B 176 -8.98 -8.19 -2.49
N SER B 177 -7.69 -8.58 -2.70
CA SER B 177 -7.29 -9.23 -3.96
C SER B 177 -8.08 -10.47 -4.23
N GLY B 178 -8.72 -11.02 -3.19
CA GLY B 178 -9.52 -12.21 -3.31
C GLY B 178 -11.01 -12.02 -3.03
N SER B 179 -11.44 -10.85 -2.55
CA SER B 179 -12.81 -10.68 -2.08
C SER B 179 -13.49 -9.41 -2.63
N TYR B 180 -12.84 -8.77 -3.57
CA TYR B 180 -13.35 -7.54 -4.13
C TYR B 180 -14.69 -7.64 -4.72
N GLU B 181 -15.18 -8.84 -5.02
CA GLU B 181 -16.51 -8.86 -5.62
C GLU B 181 -17.63 -8.53 -4.61
N THR B 182 -17.37 -8.87 -3.35
CA THR B 182 -18.37 -8.59 -2.28
C THR B 182 -17.95 -7.53 -1.26
N ALA B 183 -16.64 -7.17 -1.25
CA ALA B 183 -16.14 -6.33 -0.15
C ALA B 183 -15.55 -5.02 -0.72
N HIS B 184 -15.80 -3.91 -0.04
CA HIS B 184 -15.15 -2.66 -0.33
C HIS B 184 -14.00 -2.48 0.66
N TYR B 185 -12.82 -2.03 0.20
CA TYR B 185 -11.68 -1.72 1.07
C TYR B 185 -11.79 -0.23 1.50
N MET B 186 -12.05 -0.03 2.77
CA MET B 186 -12.26 1.34 3.32
C MET B 186 -10.89 1.78 3.85
N LEU B 187 -10.05 2.29 2.94
CA LEU B 187 -8.66 2.79 3.19
C LEU B 187 -8.75 4.01 4.16
N GLY B 188 -7.75 4.12 5.07
CA GLY B 188 -7.85 5.09 6.20
C GLY B 188 -7.24 6.50 6.03
N THR B 189 -6.65 6.78 4.87
CA THR B 189 -6.03 8.12 4.72
C THR B 189 -6.07 8.54 3.23
N ALA B 190 -5.60 9.76 2.94
CA ALA B 190 -5.61 10.23 1.55
C ALA B 190 -4.35 9.78 0.81
N ALA B 191 -4.22 8.47 0.77
CA ALA B 191 -3.05 7.84 0.12
C ALA B 191 -3.53 6.53 -0.45
N GLY B 192 -2.57 5.72 -0.90
CA GLY B 192 -2.90 4.50 -1.61
C GLY B 192 -3.16 4.75 -3.11
N PRO B 193 -3.63 3.74 -3.81
CA PRO B 193 -3.82 3.86 -5.28
C PRO B 193 -5.02 4.77 -5.57
N HIS B 194 -4.93 5.48 -6.72
CA HIS B 194 -6.14 6.19 -7.18
C HIS B 194 -7.27 5.17 -7.29
N PRO B 195 -8.50 5.53 -6.98
CA PRO B 195 -8.94 6.89 -6.68
C PRO B 195 -8.93 7.29 -5.19
N TYR B 196 -8.28 6.52 -4.30
CA TYR B 196 -8.37 6.88 -2.92
C TYR B 196 -7.90 8.26 -2.48
N PRO B 197 -6.76 8.75 -2.90
CA PRO B 197 -6.37 10.11 -2.52
C PRO B 197 -7.43 11.16 -2.84
N THR B 198 -8.05 11.00 -4.00
CA THR B 198 -9.09 11.91 -4.43
C THR B 198 -10.38 11.72 -3.64
N ILE B 199 -10.82 10.50 -3.41
CA ILE B 199 -12.12 10.30 -2.70
C ILE B 199 -11.98 10.79 -1.24
N VAL B 200 -10.83 10.44 -0.60
CA VAL B 200 -10.68 10.80 0.82
C VAL B 200 -10.61 12.36 0.95
N ARG B 201 -9.89 13.07 0.06
CA ARG B 201 -9.93 14.52 0.10
C ARG B 201 -11.37 15.00 -0.06
N GLU B 202 -12.08 14.49 -1.09
CA GLU B 202 -13.42 15.06 -1.25
C GLU B 202 -14.39 14.73 -0.11
N PHE B 203 -14.20 13.61 0.55
CA PHE B 203 -15.02 13.32 1.71
C PHE B 203 -14.50 13.92 3.02
N GLN B 204 -13.40 14.72 2.92
CA GLN B 204 -12.94 15.47 4.10
C GLN B 204 -13.02 17.02 3.83
N ARG B 205 -13.40 17.39 2.60
CA ARG B 205 -13.20 18.78 2.28
C ARG B 205 -14.19 19.74 2.95
N MET B 206 -15.21 19.16 3.60
CA MET B 206 -16.09 20.02 4.40
C MET B 206 -15.34 20.67 5.60
N ILE B 207 -14.19 20.11 5.99
CA ILE B 207 -13.42 20.74 7.06
C ILE B 207 -13.01 22.18 6.63
N GLY B 208 -12.39 22.21 5.46
CA GLY B 208 -11.96 23.54 4.95
C GLY B 208 -13.11 24.46 4.52
N GLU B 209 -14.16 23.84 3.94
CA GLU B 209 -15.32 24.64 3.49
C GLU B 209 -15.97 25.32 4.71
N GLU B 210 -16.22 24.56 5.78
CA GLU B 210 -16.82 25.16 6.96
C GLU B 210 -15.89 26.26 7.56
N THR B 211 -14.58 25.97 7.69
CA THR B 211 -13.58 26.87 8.20
C THR B 211 -13.64 28.19 7.43
N LYS B 212 -13.73 28.10 6.12
CA LYS B 212 -13.75 29.32 5.31
C LYS B 212 -14.98 30.15 5.68
N ALA B 213 -16.16 29.49 5.74
CA ALA B 213 -17.36 30.27 6.02
C ALA B 213 -17.32 30.81 7.42
N GLN B 214 -16.81 30.01 8.33
CA GLN B 214 -16.75 30.44 9.74
C GLN B 214 -15.78 31.61 9.96
N ILE B 215 -14.62 31.52 9.36
CA ILE B 215 -13.66 32.62 9.51
C ILE B 215 -14.13 33.91 8.81
N LEU B 216 -14.78 33.76 7.67
CA LEU B 216 -15.34 34.98 7.02
C LEU B 216 -16.42 35.61 7.92
N ASP B 217 -17.26 34.79 8.54
CA ASP B 217 -18.26 35.32 9.43
C ASP B 217 -17.63 36.05 10.61
N LYS B 218 -16.61 35.45 11.24
CA LYS B 218 -16.06 35.99 12.47
C LYS B 218 -15.00 37.10 12.28
N GLU B 219 -14.31 37.09 11.17
CA GLU B 219 -13.19 38.03 11.00
C GLU B 219 -13.30 38.82 9.71
N GLY B 220 -14.21 38.46 8.85
CA GLY B 220 -14.42 39.11 7.57
C GLY B 220 -13.32 38.98 6.56
N ARG B 221 -12.47 37.93 6.70
CA ARG B 221 -11.36 37.73 5.79
C ARG B 221 -10.85 36.29 5.93
N LEU B 222 -10.01 35.87 4.99
CA LEU B 222 -9.46 34.52 5.04
C LEU B 222 -8.26 34.49 5.98
N PRO B 223 -7.88 33.29 6.39
CA PRO B 223 -6.75 33.17 7.30
C PRO B 223 -5.45 33.56 6.58
N ASP B 224 -4.44 33.95 7.33
CA ASP B 224 -3.10 34.07 6.72
C ASP B 224 -2.52 32.66 6.48
N ALA B 225 -2.92 31.69 7.32
CA ALA B 225 -2.44 30.30 7.12
C ALA B 225 -3.38 29.34 7.87
N VAL B 226 -3.42 28.12 7.32
CA VAL B 226 -4.16 27.04 7.94
C VAL B 226 -3.08 25.99 8.12
N ILE B 227 -3.12 25.36 9.31
CA ILE B 227 -2.06 24.49 9.76
C ILE B 227 -2.65 23.15 10.19
N ALA B 228 -2.08 22.04 9.70
CA ALA B 228 -2.62 20.72 10.05
C ALA B 228 -1.50 19.68 10.13
N CYS B 229 -1.63 18.68 11.05
CA CYS B 229 -0.67 17.56 11.12
C CYS B 229 -0.88 16.66 9.90
N VAL B 230 0.19 15.93 9.56
CA VAL B 230 0.26 15.07 8.38
C VAL B 230 0.86 13.71 8.81
N GLY B 231 -0.07 12.73 8.97
CA GLY B 231 0.29 11.31 9.24
C GLY B 231 0.28 10.67 7.83
N GLY B 232 -0.92 10.47 7.25
CA GLY B 232 -1.07 10.07 5.88
C GLY B 232 -1.57 11.22 5.01
N GLY B 233 -2.19 12.22 5.62
CA GLY B 233 -2.59 13.39 4.87
C GLY B 233 -4.10 13.73 4.79
N SER B 234 -4.97 12.89 5.37
CA SER B 234 -6.40 13.18 5.24
C SER B 234 -6.92 14.45 5.93
N ASN B 235 -6.63 14.66 7.20
CA ASN B 235 -7.21 15.86 7.87
C ASN B 235 -6.63 17.12 7.24
N ALA B 236 -5.34 17.01 6.87
CA ALA B 236 -4.68 18.19 6.31
C ALA B 236 -5.26 18.51 4.91
N ILE B 237 -5.41 17.49 4.04
CA ILE B 237 -5.97 17.85 2.72
C ILE B 237 -7.44 18.29 2.88
N GLY B 238 -8.17 17.78 3.90
CA GLY B 238 -9.56 18.20 4.06
C GLY B 238 -9.63 19.67 4.45
N MET B 239 -8.69 20.13 5.30
CA MET B 239 -8.60 21.53 5.67
C MET B 239 -8.10 22.35 4.45
N PHE B 240 -7.07 21.85 3.77
CA PHE B 240 -6.41 22.70 2.69
C PHE B 240 -7.33 22.86 1.44
N ALA B 241 -8.20 21.87 1.14
CA ALA B 241 -8.66 21.74 -0.27
C ALA B 241 -9.36 23.00 -0.74
N ASP B 242 -10.27 23.52 0.10
CA ASP B 242 -11.08 24.67 -0.31
C ASP B 242 -10.30 25.96 -0.40
N PHE B 243 -9.09 25.99 0.17
CA PHE B 243 -8.25 27.20 0.18
C PHE B 243 -7.18 27.06 -0.93
N ILE B 244 -7.06 25.95 -1.67
CA ILE B 244 -5.95 25.85 -2.60
C ILE B 244 -5.96 27.02 -3.60
N ASN B 245 -7.12 27.41 -4.09
CA ASN B 245 -7.20 28.51 -5.06
C ASN B 245 -7.18 29.90 -4.47
N ASP B 246 -7.14 29.98 -3.14
CA ASP B 246 -7.01 31.24 -2.44
C ASP B 246 -5.54 31.45 -2.22
N THR B 247 -4.86 32.06 -3.19
CA THR B 247 -3.39 32.11 -3.17
C THR B 247 -2.76 32.80 -1.99
N SER B 248 -3.48 33.67 -1.31
CA SER B 248 -2.95 34.38 -0.15
C SER B 248 -2.97 33.51 1.09
N VAL B 249 -3.70 32.38 1.06
CA VAL B 249 -3.79 31.58 2.28
C VAL B 249 -2.67 30.54 2.32
N GLY B 250 -1.79 30.63 3.34
CA GLY B 250 -0.72 29.66 3.51
C GLY B 250 -1.31 28.30 3.86
N LEU B 251 -0.66 27.25 3.35
CA LEU B 251 -1.08 25.84 3.73
C LEU B 251 0.13 25.24 4.36
N ILE B 252 0.13 24.97 5.67
CA ILE B 252 1.29 24.38 6.33
C ILE B 252 0.92 23.01 6.90
N GLY B 253 1.66 22.00 6.46
CA GLY B 253 1.44 20.66 6.99
C GLY B 253 2.57 20.27 7.92
N VAL B 254 2.24 19.60 9.02
CA VAL B 254 3.24 19.26 10.03
C VAL B 254 3.46 17.77 10.22
N GLU B 255 4.60 17.26 9.80
CA GLU B 255 4.92 15.85 9.99
C GLU B 255 5.59 15.71 11.38
N PRO B 256 5.53 14.51 11.92
CA PRO B 256 6.17 14.25 13.22
C PRO B 256 7.68 14.13 13.09
N GLY B 257 8.35 14.91 13.91
CA GLY B 257 9.80 14.89 13.96
C GLY B 257 10.37 13.87 14.98
N GLY B 258 9.50 13.21 15.74
CA GLY B 258 9.91 12.18 16.67
C GLY B 258 10.93 12.72 17.68
N HIS B 259 12.03 11.97 17.75
CA HIS B 259 13.14 12.38 18.61
C HIS B 259 14.02 13.45 18.03
N GLY B 260 13.71 13.84 16.80
CA GLY B 260 14.51 14.82 16.09
C GLY B 260 14.91 14.26 14.71
N ILE B 261 14.83 15.08 13.67
CA ILE B 261 15.13 14.58 12.35
C ILE B 261 16.54 13.93 12.27
N GLU B 262 17.52 14.61 12.85
CA GLU B 262 18.90 14.14 12.89
C GLU B 262 19.08 12.81 13.57
N THR B 263 18.14 12.38 14.38
CA THR B 263 18.29 11.09 14.98
C THR B 263 17.87 9.95 14.08
N GLY B 264 17.16 10.26 13.02
CA GLY B 264 16.57 9.26 12.12
C GLY B 264 15.28 8.62 12.71
N GLU B 265 14.89 8.96 13.95
CA GLU B 265 13.74 8.33 14.60
C GLU B 265 12.64 9.40 14.48
N HIS B 266 11.97 9.41 13.33
CA HIS B 266 10.96 10.41 13.02
C HIS B 266 9.91 9.78 12.11
N GLY B 267 8.97 10.61 11.70
CA GLY B 267 7.96 10.16 10.72
C GLY B 267 7.65 11.23 9.72
N ALA B 268 8.70 11.74 9.09
CA ALA B 268 8.60 12.88 8.19
C ALA B 268 9.09 12.53 6.77
N PRO B 269 8.44 11.58 6.13
CA PRO B 269 8.94 11.16 4.78
C PRO B 269 8.79 12.24 3.72
N LEU B 270 7.80 13.12 3.84
CA LEU B 270 7.64 14.12 2.79
C LEU B 270 8.90 14.97 2.66
N LYS B 271 9.49 15.42 3.79
CA LYS B 271 10.64 16.33 3.70
C LYS B 271 11.94 15.62 3.92
N HIS B 272 11.90 14.42 4.51
CA HIS B 272 13.15 13.68 4.93
C HIS B 272 13.16 12.24 4.55
N GLY B 273 12.29 11.80 3.61
CA GLY B 273 12.38 10.43 3.15
C GLY B 273 12.82 10.44 1.71
N ARG B 274 12.45 9.40 0.96
CA ARG B 274 12.86 9.28 -0.44
C ARG B 274 11.66 8.70 -1.26
N VAL B 275 11.41 9.21 -2.48
CA VAL B 275 10.27 8.67 -3.27
C VAL B 275 10.45 7.18 -3.55
N GLY B 276 9.34 6.45 -3.38
CA GLY B 276 9.33 5.05 -3.72
C GLY B 276 7.97 4.66 -4.25
N ILE B 277 7.78 3.37 -4.46
CA ILE B 277 6.48 2.87 -4.88
C ILE B 277 6.05 1.81 -3.93
N TYR B 278 4.99 2.11 -3.21
CA TYR B 278 4.47 1.15 -2.21
C TYR B 278 3.03 1.55 -1.88
N PHE B 279 2.25 0.57 -1.42
CA PHE B 279 0.87 0.78 -1.09
C PHE B 279 0.12 1.39 -2.25
N GLY B 280 0.45 1.00 -3.48
CA GLY B 280 -0.35 1.43 -4.60
C GLY B 280 -0.01 2.75 -5.17
N MET B 281 1.03 3.38 -4.66
CA MET B 281 1.32 4.71 -5.12
C MET B 281 2.83 5.03 -5.18
N LYS B 282 3.16 6.07 -5.95
CA LYS B 282 4.50 6.63 -5.97
C LYS B 282 4.46 7.88 -5.08
N ALA B 283 5.25 7.86 -4.01
CA ALA B 283 5.20 8.97 -3.08
C ALA B 283 6.49 8.88 -2.19
N PRO B 284 6.82 9.95 -1.51
CA PRO B 284 7.91 9.89 -0.48
C PRO B 284 7.66 8.83 0.59
N MET B 285 8.68 8.00 0.94
CA MET B 285 8.48 6.84 1.81
C MET B 285 9.57 6.85 2.91
N MET B 286 9.27 6.27 4.06
CA MET B 286 10.32 5.92 4.99
C MET B 286 10.89 4.59 4.46
N GLN B 287 12.18 4.58 4.14
CA GLN B 287 12.73 3.30 3.57
C GLN B 287 14.22 3.23 3.72
N THR B 288 14.75 1.99 3.72
CA THR B 288 16.20 1.93 3.81
C THR B 288 16.88 2.29 2.48
N ALA B 289 18.20 2.33 2.46
CA ALA B 289 18.92 2.67 1.25
C ALA B 289 18.68 1.64 0.10
N ASP B 290 18.46 0.40 0.50
CA ASP B 290 18.20 -0.69 -0.46
C ASP B 290 16.71 -0.76 -0.85
N GLY B 291 15.83 0.07 -0.28
CA GLY B 291 14.44 0.05 -0.70
C GLY B 291 13.50 -0.80 0.13
N GLN B 292 13.85 -1.14 1.38
CA GLN B 292 12.91 -1.88 2.17
C GLN B 292 12.09 -0.81 2.92
N ILE B 293 10.79 -1.00 3.05
CA ILE B 293 9.98 0.03 3.71
C ILE B 293 10.17 -0.07 5.25
N GLU B 294 10.19 1.11 5.89
CA GLU B 294 10.42 1.17 7.36
C GLU B 294 9.28 1.89 8.01
N GLU B 295 9.29 1.85 9.34
CA GLU B 295 8.18 2.47 10.09
C GLU B 295 8.38 3.95 10.28
N SER B 296 7.28 4.65 10.58
CA SER B 296 7.43 6.04 11.03
C SER B 296 7.44 5.99 12.56
N TYR B 297 8.27 6.84 13.18
CA TYR B 297 8.30 6.94 14.67
C TYR B 297 7.70 8.30 15.10
N SER B 298 6.76 8.29 16.05
CA SER B 298 6.28 9.51 16.70
C SER B 298 5.77 9.15 18.10
N ILE B 299 5.83 10.09 19.05
CA ILE B 299 5.13 9.87 20.32
C ILE B 299 3.66 9.63 20.06
N SER B 300 3.10 10.22 18.99
CA SER B 300 1.71 10.01 18.62
C SER B 300 1.54 8.80 17.72
N ALA B 301 0.79 7.83 18.18
CA ALA B 301 0.61 6.59 17.48
C ALA B 301 -0.04 6.80 16.11
N GLY B 302 -0.87 7.82 15.99
CA GLY B 302 -1.65 7.98 14.78
C GLY B 302 -0.95 8.69 13.62
N LEU B 303 0.25 9.16 13.85
CA LEU B 303 1.02 9.79 12.72
C LEU B 303 2.03 8.72 12.17
N ASP B 304 1.65 7.43 12.27
CA ASP B 304 2.51 6.27 11.95
C ASP B 304 2.55 5.82 10.48
N PHE B 305 1.75 6.41 9.60
CA PHE B 305 1.76 5.98 8.20
C PHE B 305 3.10 6.28 7.61
N PRO B 306 3.81 5.27 7.11
CA PRO B 306 5.19 5.51 6.70
C PRO B 306 5.40 6.20 5.34
N SER B 307 4.34 6.77 4.79
CA SER B 307 4.49 7.52 3.56
C SER B 307 3.64 8.77 3.73
N VAL B 308 3.10 9.32 2.64
CA VAL B 308 2.29 10.50 2.77
C VAL B 308 1.44 10.58 1.48
N GLY B 309 0.29 11.24 1.54
CA GLY B 309 -0.58 11.32 0.36
C GLY B 309 0.10 12.03 -0.82
N PRO B 310 -0.11 11.50 -2.03
CA PRO B 310 0.59 12.04 -3.18
C PRO B 310 0.21 13.52 -3.44
N GLN B 311 -0.97 13.96 -3.08
CA GLN B 311 -1.36 15.38 -3.30
C GLN B 311 -0.49 16.30 -2.47
N HIS B 312 -0.10 15.81 -1.27
CA HIS B 312 0.77 16.69 -0.46
C HIS B 312 2.17 16.79 -1.11
N ALA B 313 2.69 15.64 -1.61
CA ALA B 313 3.99 15.70 -2.26
C ALA B 313 3.94 16.65 -3.45
N TYR B 314 2.83 16.68 -4.18
CA TYR B 314 2.66 17.57 -5.32
C TYR B 314 2.54 19.05 -4.89
N LEU B 315 1.68 19.37 -3.91
CA LEU B 315 1.51 20.74 -3.43
C LEU B 315 2.90 21.27 -2.93
N ASN B 316 3.67 20.38 -2.28
CA ASN B 316 5.02 20.76 -1.82
C ASN B 316 5.92 21.06 -3.04
N SER B 317 5.94 20.14 -4.02
CA SER B 317 6.83 20.33 -5.14
C SER B 317 6.63 21.67 -5.92
N ILE B 318 5.39 22.11 -6.02
CA ILE B 318 5.14 23.35 -6.68
C ILE B 318 5.15 24.58 -5.79
N GLY B 319 5.37 24.34 -4.50
CA GLY B 319 5.47 25.39 -3.50
C GLY B 319 4.14 26.06 -3.11
N ARG B 320 3.01 25.34 -3.40
CA ARG B 320 1.73 25.86 -2.94
C ARG B 320 1.56 25.61 -1.42
N ALA B 321 2.07 24.49 -0.92
CA ALA B 321 2.05 24.20 0.53
C ALA B 321 3.44 24.03 1.07
N ASP B 322 3.63 24.36 2.34
CA ASP B 322 4.90 24.19 3.00
C ASP B 322 4.77 23.15 4.06
N TYR B 323 5.79 22.32 4.18
CA TYR B 323 5.76 21.24 5.19
C TYR B 323 6.92 21.40 6.14
N VAL B 324 6.63 21.17 7.41
CA VAL B 324 7.63 21.31 8.48
C VAL B 324 7.46 20.12 9.40
N SER B 325 8.26 20.05 10.47
CA SER B 325 8.11 18.97 11.43
C SER B 325 8.19 19.54 12.86
N ILE B 326 7.61 18.75 13.75
CA ILE B 326 7.56 19.12 15.18
C ILE B 326 7.95 17.90 15.95
N THR B 327 8.83 18.07 16.97
CA THR B 327 9.26 16.94 17.70
C THR B 327 8.28 16.47 18.80
N ASP B 328 8.56 15.29 19.33
CA ASP B 328 7.76 14.76 20.44
C ASP B 328 7.65 15.81 21.59
N ASP B 329 8.79 16.44 21.97
CA ASP B 329 8.72 17.34 23.13
C ASP B 329 7.94 18.61 22.77
N GLU B 330 8.07 19.05 21.54
CA GLU B 330 7.27 20.22 21.13
C GLU B 330 5.79 19.87 21.16
N ALA B 331 5.43 18.67 20.71
CA ALA B 331 3.99 18.28 20.68
C ALA B 331 3.48 18.18 22.09
N LEU B 332 4.30 17.57 22.97
CA LEU B 332 3.87 17.46 24.39
C LEU B 332 3.65 18.80 25.04
N GLU B 333 4.54 19.78 24.76
CA GLU B 333 4.37 21.11 25.29
C GLU B 333 3.08 21.78 24.81
N ALA B 334 2.77 21.63 23.52
CA ALA B 334 1.52 22.18 23.00
C ALA B 334 0.30 21.50 23.63
N PHE B 335 0.39 20.19 23.85
CA PHE B 335 -0.73 19.45 24.49
C PHE B 335 -0.99 20.07 25.90
N LYS B 336 0.10 20.22 26.68
CA LYS B 336 -0.05 20.80 28.03
C LYS B 336 -0.61 22.21 27.99
N THR B 337 -0.14 23.02 27.05
CA THR B 337 -0.54 24.41 26.96
C THR B 337 -2.03 24.53 26.64
N LEU B 338 -2.51 23.81 25.66
CA LEU B 338 -3.97 23.85 25.35
C LEU B 338 -4.83 23.38 26.56
N CYS B 339 -4.39 22.34 27.22
CA CYS B 339 -5.22 21.86 28.33
C CYS B 339 -5.37 23.00 29.36
N ARG B 340 -4.23 23.63 29.69
CA ARG B 340 -4.21 24.55 30.82
C ARG B 340 -4.80 25.89 30.49
N HIS B 341 -4.66 26.33 29.24
CA HIS B 341 -5.12 27.68 28.87
C HIS B 341 -6.42 27.75 28.16
N GLU B 342 -6.90 26.61 27.63
CA GLU B 342 -8.22 26.69 26.95
C GLU B 342 -9.15 25.58 27.44
N GLY B 343 -8.71 24.70 28.33
CA GLY B 343 -9.62 23.63 28.73
C GLY B 343 -10.00 22.67 27.64
N ILE B 344 -9.13 22.47 26.65
CA ILE B 344 -9.36 21.48 25.62
C ILE B 344 -8.21 20.51 25.62
N ILE B 345 -8.48 19.21 25.63
CA ILE B 345 -7.40 18.19 25.61
C ILE B 345 -7.22 17.77 24.14
N PRO B 346 -6.15 18.12 23.48
CA PRO B 346 -6.02 17.82 22.04
C PRO B 346 -5.35 16.45 21.86
N ALA B 347 -5.67 15.79 20.77
CA ALA B 347 -4.95 14.56 20.42
C ALA B 347 -3.51 14.90 20.26
N LEU B 348 -2.64 13.96 20.61
CA LEU B 348 -1.19 14.21 20.37
C LEU B 348 -0.87 14.38 18.88
N GLU B 349 -1.68 13.81 17.99
CA GLU B 349 -1.51 14.06 16.54
C GLU B 349 -1.68 15.56 16.32
N SER B 350 -2.85 16.09 16.69
CA SER B 350 -3.22 17.50 16.45
C SER B 350 -2.26 18.46 17.15
N SER B 351 -1.75 18.03 18.31
CA SER B 351 -0.76 18.79 19.04
C SER B 351 0.45 19.15 18.23
N HIS B 352 0.75 18.37 17.18
CA HIS B 352 1.88 18.73 16.33
C HIS B 352 1.53 20.02 15.57
N ALA B 353 0.31 20.10 15.06
CA ALA B 353 -0.13 21.26 14.36
C ALA B 353 -0.17 22.49 15.29
N LEU B 354 -0.74 22.33 16.47
CA LEU B 354 -0.83 23.44 17.39
C LEU B 354 0.60 23.92 17.79
N ALA B 355 1.53 22.95 18.02
CA ALA B 355 2.95 23.29 18.39
C ALA B 355 3.56 24.18 17.29
N HIS B 356 3.32 23.88 16.01
CA HIS B 356 3.91 24.71 14.99
C HIS B 356 3.26 26.12 15.00
N ALA B 357 1.94 26.22 15.17
CA ALA B 357 1.31 27.54 15.36
C ALA B 357 1.92 28.29 16.54
N LEU B 358 2.14 27.62 17.66
CA LEU B 358 2.72 28.31 18.78
C LEU B 358 4.13 28.85 18.48
N LYS B 359 4.86 28.07 17.67
CA LYS B 359 6.19 28.54 17.28
C LYS B 359 6.05 29.78 16.36
N MET B 360 5.11 29.75 15.41
CA MET B 360 4.92 30.92 14.55
C MET B 360 4.62 32.16 15.41
N MET B 361 3.81 31.99 16.44
CA MET B 361 3.50 33.09 17.31
C MET B 361 4.70 33.52 18.14
N ARG B 362 5.31 32.57 18.82
CA ARG B 362 6.37 32.92 19.79
C ARG B 362 7.64 33.48 19.13
N GLU B 363 7.94 32.95 17.94
CA GLU B 363 9.20 33.37 17.31
C GLU B 363 9.08 34.84 16.81
N GLN B 364 7.88 35.30 16.42
CA GLN B 364 7.68 36.67 15.95
C GLN B 364 6.35 37.21 16.57
N PRO B 365 6.42 37.53 17.85
CA PRO B 365 5.19 37.86 18.61
C PRO B 365 4.57 39.16 18.18
N GLU B 366 5.31 40.00 17.44
CA GLU B 366 4.71 41.27 17.00
C GLU B 366 4.27 41.16 15.53
N LYS B 367 4.33 39.96 14.94
CA LYS B 367 3.83 39.82 13.56
C LYS B 367 2.29 39.62 13.62
N GLU B 368 1.58 40.38 12.86
CA GLU B 368 0.11 40.25 12.82
C GLU B 368 -0.21 39.06 11.95
N GLN B 369 -0.94 38.09 12.54
CA GLN B 369 -1.29 36.90 11.76
C GLN B 369 -2.51 36.19 12.29
N LEU B 370 -3.33 35.79 11.35
CA LEU B 370 -4.64 35.10 11.64
C LEU B 370 -4.43 33.63 11.19
N LEU B 371 -4.41 32.74 12.17
CA LEU B 371 -4.04 31.36 11.95
C LEU B 371 -5.23 30.45 12.32
N VAL B 372 -5.40 29.40 11.55
CA VAL B 372 -6.34 28.33 11.97
C VAL B 372 -5.57 27.03 12.08
N VAL B 373 -5.72 26.34 13.19
CA VAL B 373 -5.13 25.01 13.35
C VAL B 373 -6.28 24.03 13.24
N ASN B 374 -6.07 22.97 12.46
CA ASN B 374 -7.10 21.91 12.40
C ASN B 374 -6.93 21.05 13.64
N LEU B 375 -7.89 21.09 14.59
CA LEU B 375 -7.74 20.26 15.77
C LEU B 375 -8.38 18.91 15.40
N SER B 376 -7.55 18.03 14.81
CA SER B 376 -8.05 16.83 14.17
C SER B 376 -8.73 15.85 15.12
N GLY B 377 -8.33 15.87 16.38
CA GLY B 377 -9.01 14.94 17.29
C GLY B 377 -8.82 15.36 18.77
N ARG B 378 -9.57 14.66 19.65
CA ARG B 378 -9.49 14.86 21.11
C ARG B 378 -8.41 13.97 21.70
N GLY B 379 -7.89 14.36 22.87
CA GLY B 379 -6.73 13.68 23.41
C GLY B 379 -6.98 12.89 24.70
N ASP B 380 -8.24 12.62 25.01
CA ASP B 380 -8.51 11.80 26.19
C ASP B 380 -7.73 10.47 26.06
N LYS B 381 -7.60 9.95 24.84
CA LYS B 381 -6.86 8.72 24.60
C LYS B 381 -5.37 8.84 24.96
N ASP B 382 -4.83 10.06 25.02
CA ASP B 382 -3.40 10.26 25.19
C ASP B 382 -2.99 10.57 26.63
N ILE B 383 -3.94 10.63 27.56
CA ILE B 383 -3.55 11.08 28.92
C ILE B 383 -2.57 10.14 29.66
N PHE B 384 -2.72 8.83 29.50
CA PHE B 384 -1.77 7.83 30.08
C PHE B 384 -0.37 8.05 29.46
N THR B 385 -0.31 8.17 28.15
CA THR B 385 0.97 8.42 27.51
C THR B 385 1.66 9.62 28.06
N VAL B 386 0.90 10.72 28.15
CA VAL B 386 1.43 11.93 28.63
C VAL B 386 1.71 11.74 30.11
N HIS B 387 0.83 11.08 30.86
CA HIS B 387 1.15 10.91 32.30
C HIS B 387 2.46 10.17 32.53
N ASP B 388 2.66 9.06 31.83
CA ASP B 388 3.86 8.26 31.99
C ASP B 388 5.14 9.00 31.64
N ILE B 389 5.12 9.80 30.57
CA ILE B 389 6.30 10.60 30.22
C ILE B 389 6.61 11.55 31.33
N LEU B 390 5.58 12.31 31.70
CA LEU B 390 5.75 13.29 32.75
C LEU B 390 5.94 12.59 34.11
O1 G3H C . 5.15 -17.26 -9.41
C1 G3H C . 5.28 -17.42 -8.12
C2 G3H C . 4.11 -17.71 -7.27
O2 G3H C . 4.79 -17.98 -6.02
C3 G3H C . 3.34 -18.97 -7.72
O1P G3H C . 2.10 -19.15 -6.99
O2P G3H C . 2.54 -21.54 -6.36
O3P G3H C . 0.59 -20.13 -5.41
O4P G3H C . 3.01 -19.69 -4.69
P G3H C . 2.06 -20.20 -5.78
N1 PLP D . -5.19 13.34 13.79
C2 PLP D . -6.06 12.47 14.35
C2A PLP D . -6.82 12.95 15.52
C3 PLP D . -6.18 11.16 13.87
O3 PLP D . -7.06 10.32 14.46
C4 PLP D . -5.41 10.76 12.76
C4A PLP D . -5.50 9.38 12.17
C5 PLP D . -4.49 11.67 12.20
C6 PLP D . -4.43 12.91 12.70
C5A PLP D . -3.57 11.23 11.05
O4P PLP D . -4.12 10.87 9.82
P PLP D . -4.26 11.87 8.65
O1P PLP D . -4.77 11.01 7.58
O2P PLP D . -2.89 12.45 8.38
O3P PLP D . -5.22 12.97 9.02
NA NA E . 3.52 9.82 7.11
#